data_2HG9
#
_entry.id   2HG9
#
_cell.length_a   139.554
_cell.length_b   139.554
_cell.length_c   184.609
_cell.angle_alpha   90.00
_cell.angle_beta   90.00
_cell.angle_gamma   120.00
#
_symmetry.space_group_name_H-M   'P 31 2 1'
#
loop_
_entity.id
_entity.type
_entity.pdbx_description
1 polymer 'Reaction center protein L chain'
2 polymer 'Reaction center protein M chain'
3 polymer 'Reaction center protein H chain'
4 non-polymer 'PHOSPHATE ION'
5 non-polymer 'CHLORIDE ION'
6 non-polymer 'BACTERIOCHLOROPHYLL A'
7 non-polymer 'BACTERIOPHEOPHYTIN A'
8 non-polymer UBIQUINONE-10
9 non-polymer 'FE (III) ION'
10 non-polymer CARDIOLIPIN
11 non-polymer '(7R,18S,19R)-18,19-DIBROMO-7-{[(9S,10S)-9,10-DIBROMOOCTADECANOYL]OXY}-4-HYDROXY-N,N,N-TRIMETHYL-10-OXO-3,5,9-TRIOXA-4-P HOSPHAHEPTACOSAN-1-AMINIUM 4-OXIDE'
12 non-polymer 'LAURYL DIMETHYLAMINE-N-OXIDE'
13 non-polymer GLYCEROL
14 non-polymer 'POTASSIUM ION'
15 non-polymer '(7S)-4-HYDROXY-N,N,N-TRIMETHYL-9-OXO-7-[(PALMITOYLOXY)METHYL]-3,5,8-TRIOXA-4-PHOSPHAHEXACOSAN-1-AMINIUM 4-OXIDE'
16 water water
#
loop_
_entity_poly.entity_id
_entity_poly.type
_entity_poly.pdbx_seq_one_letter_code
_entity_poly.pdbx_strand_id
1 'polypeptide(L)'
;ALLSFERKYRVPGGTLVGGNLFDFWVGPFYVGFFGVATFFFAALGIILIAWSAVLQGTWNPQLISVYPPALEYGLGGAPL
AKGGLWQIITICATGAFVSWALREVEICRKLGIGYHIPFAFAFAILAYLTLVLFRPVMMGAWGYAFPYGIWTHLDWVSNT
GYTYGNFHYNPAHMIAISFFFTNALALALHGALVLSAANPEKGKEMRTPDHEDTFFRDLVGYSIGTLGIHRLGLLLSLSA
VFFSALCMIITGTIWFDQWVDWWQWWVKLPWWANIPGGING
;
L
2 'polypeptide(L)'
;AEYQNIFSQVQVRGPADLGMTEDVNLANRSGVGPFSTLLGWFGNAQLGPIYLGSLGVLSLFSGLMWFFTIGIWFWYQAGW
NPAVFLRDLFFFSLEPPAPEYGLSFAAPLKEGGLWLIASFFMFVAVWSWWGRTYLRAQALGMGKHTAWAFLSAIWLWMVL
GFIRPILMGSWSEAVPYGIFSHLDWTNNFSLVHGNLFYNPFHGLSIAFLYGSALLFAMHGATILAVSRFGGERELEQIAD
RGTAAERAALFWRWTMGFNATMEGIHRWAIWMAVLVTLTGGIGILLSGTVVDNWYVWGQNHGMAPLN
;
M
3 'polypeptide(L)'
;MVGVTAFGNFDLASLAIYSFWIFLAGLIYYLQTENMREGYPLENEDGTPAANQGPFPLPKPKTFILPHGRGTLTVPGPES
EDRPIALARTAVSEGFPHAPTGDPMKDGVGPASWVARRDLPELDGHGHNKIKPMKAAAGFHVSAGKNPIGLPVRGCDLEI
AGKVVDIWVDIPEQMARFLEVELKDGSTRLLPMQMVKVQSNRVHVNALSSDLFAGIPTIKSPTEVTLLEEDKICGYVAGG
LMYAAPKRKSVVAAMLAEYA
;
H
#
# COMPACT_ATOMS: atom_id res chain seq x y z
N ALA A 1 19.53 3.54 -22.04
CA ALA A 1 20.58 3.13 -21.03
C ALA A 1 19.96 2.09 -20.09
N LEU A 2 20.78 1.24 -19.48
CA LEU A 2 20.25 0.22 -18.56
C LEU A 2 20.78 0.33 -17.14
N LEU A 3 19.96 -0.11 -16.20
CA LEU A 3 20.43 -0.31 -14.85
C LEU A 3 21.56 -1.33 -14.91
N SER A 4 22.40 -1.36 -13.89
CA SER A 4 23.58 -2.22 -13.94
C SER A 4 23.24 -3.71 -14.08
N PHE A 5 22.08 -4.09 -13.58
CA PHE A 5 21.67 -5.52 -13.46
C PHE A 5 20.59 -5.93 -14.49
N GLU A 6 20.27 -4.99 -15.38
CA GLU A 6 19.11 -5.10 -16.24
C GLU A 6 19.18 -6.05 -17.45
N ARG A 7 20.35 -6.16 -18.07
CA ARG A 7 20.47 -6.81 -19.40
C ARG A 7 19.98 -8.25 -19.39
N LYS A 8 20.30 -8.98 -18.33
CA LYS A 8 19.94 -10.37 -18.25
C LYS A 8 18.44 -10.61 -18.31
N TYR A 9 17.63 -9.60 -18.00
CA TYR A 9 16.20 -9.76 -18.03
C TYR A 9 15.60 -9.33 -19.38
N ARG A 10 16.38 -8.66 -20.27
CA ARG A 10 15.81 -8.10 -21.51
C ARG A 10 15.89 -9.15 -22.65
N VAL A 11 15.13 -10.24 -22.48
CA VAL A 11 15.16 -11.37 -23.37
C VAL A 11 13.88 -11.21 -24.17
N PRO A 12 13.77 -11.89 -25.34
CA PRO A 12 12.49 -11.90 -26.07
C PRO A 12 11.41 -12.71 -25.35
N GLY A 13 10.16 -12.35 -25.63
CA GLY A 13 9.03 -13.17 -25.17
C GLY A 13 8.14 -12.45 -24.17
N GLY A 14 6.93 -12.99 -24.01
CA GLY A 14 5.96 -12.50 -23.05
C GLY A 14 4.84 -11.74 -23.69
N THR A 15 4.99 -11.34 -24.95
CA THR A 15 4.02 -10.52 -25.59
C THR A 15 2.68 -11.27 -25.71
N LEU A 16 1.57 -10.52 -25.71
CA LEU A 16 0.24 -11.10 -25.86
C LEU A 16 -0.24 -11.00 -27.32
N VAL A 17 0.20 -9.97 -28.03
CA VAL A 17 -0.17 -9.72 -29.40
C VAL A 17 1.06 -9.27 -30.20
N GLY A 18 1.20 -9.80 -31.41
CA GLY A 18 2.19 -9.31 -32.38
C GLY A 18 3.49 -10.06 -32.45
N GLY A 19 3.60 -11.16 -31.72
CA GLY A 19 4.87 -11.86 -31.63
C GLY A 19 5.98 -10.91 -31.21
N ASN A 20 7.06 -10.89 -31.99
CA ASN A 20 8.18 -9.98 -31.74
C ASN A 20 8.09 -8.60 -32.41
N LEU A 21 6.98 -8.29 -33.05
CA LEU A 21 6.90 -7.05 -33.84
C LEU A 21 7.20 -5.82 -32.98
N PHE A 22 6.69 -5.81 -31.77
CA PHE A 22 6.85 -4.66 -30.90
C PHE A 22 7.61 -5.03 -29.59
N ASP A 23 8.37 -6.11 -29.63
CA ASP A 23 9.13 -6.60 -28.47
C ASP A 23 10.45 -5.81 -28.47
N PHE A 24 10.40 -4.61 -27.90
CA PHE A 24 11.58 -3.78 -27.76
C PHE A 24 11.34 -2.61 -26.76
N TRP A 25 12.39 -1.86 -26.45
CA TRP A 25 12.34 -0.76 -25.50
C TRP A 25 12.65 0.58 -26.24
N VAL A 26 12.16 1.69 -25.70
CA VAL A 26 12.64 3.06 -26.00
C VAL A 26 13.21 3.68 -24.69
N GLY A 27 14.54 3.72 -24.58
CA GLY A 27 15.13 4.10 -23.33
C GLY A 27 14.78 3.03 -22.30
N PRO A 28 14.21 3.44 -21.15
CA PRO A 28 13.80 2.53 -20.11
C PRO A 28 12.44 1.85 -20.39
N PHE A 29 11.64 2.45 -21.25
CA PHE A 29 10.28 2.00 -21.41
C PHE A 29 10.16 0.76 -22.29
N TYR A 30 9.49 -0.25 -21.79
CA TYR A 30 9.05 -1.34 -22.64
C TYR A 30 7.91 -0.82 -23.56
N VAL A 31 7.93 -1.23 -24.83
CA VAL A 31 6.87 -0.87 -25.73
C VAL A 31 5.79 -1.95 -25.76
N GLY A 32 5.96 -2.93 -26.63
CA GLY A 32 4.90 -3.91 -26.84
C GLY A 32 3.74 -3.36 -27.64
N PHE A 33 2.82 -4.23 -28.04
CA PHE A 33 1.65 -3.79 -28.86
C PHE A 33 0.80 -2.83 -28.01
N PHE A 34 0.73 -3.08 -26.73
CA PHE A 34 -0.02 -2.22 -25.81
C PHE A 34 0.65 -0.87 -25.49
N GLY A 35 1.97 -0.81 -25.59
CA GLY A 35 2.65 0.48 -25.61
C GLY A 35 2.25 1.31 -26.80
N VAL A 36 2.21 0.68 -27.97
CA VAL A 36 1.71 1.37 -29.20
C VAL A 36 0.23 1.76 -29.07
N ALA A 37 -0.59 0.91 -28.45
CA ALA A 37 -2.01 1.20 -28.28
C ALA A 37 -2.11 2.39 -27.32
N THR A 38 -1.35 2.33 -26.20
CA THR A 38 -1.40 3.38 -25.19
C THR A 38 -1.07 4.73 -25.79
N PHE A 39 -0.02 4.77 -26.57
CA PHE A 39 0.48 6.00 -27.12
C PHE A 39 -0.61 6.56 -28.04
N PHE A 40 -1.16 5.69 -28.89
CA PHE A 40 -2.19 6.10 -29.80
C PHE A 40 -3.38 6.69 -29.04
N PHE A 41 -3.89 5.98 -28.03
CA PHE A 41 -5.09 6.47 -27.38
C PHE A 41 -4.79 7.77 -26.62
N ALA A 42 -3.63 7.81 -25.93
CA ALA A 42 -3.25 9.00 -25.17
C ALA A 42 -3.08 10.19 -26.08
N ALA A 43 -2.37 9.97 -27.19
CA ALA A 43 -2.04 11.02 -28.11
C ALA A 43 -3.33 11.60 -28.68
N LEU A 44 -4.25 10.74 -29.11
CA LEU A 44 -5.52 11.21 -29.67
C LEU A 44 -6.31 11.98 -28.61
N GLY A 45 -6.37 11.42 -27.43
CA GLY A 45 -6.94 12.08 -26.29
C GLY A 45 -6.44 13.50 -26.03
N ILE A 46 -5.12 13.65 -25.95
CA ILE A 46 -4.53 14.95 -25.63
C ILE A 46 -4.86 15.98 -26.78
N ILE A 47 -4.79 15.51 -28.02
CA ILE A 47 -5.13 16.33 -29.18
C ILE A 47 -6.59 16.80 -29.13
N LEU A 48 -7.49 15.92 -28.69
CA LEU A 48 -8.89 16.29 -28.67
C LEU A 48 -9.14 17.25 -27.51
N ILE A 49 -8.47 17.01 -26.39
CA ILE A 49 -8.51 17.95 -25.30
C ILE A 49 -8.05 19.34 -25.78
N ALA A 50 -6.87 19.41 -26.41
CA ALA A 50 -6.30 20.66 -26.94
C ALA A 50 -7.28 21.38 -27.89
N TRP A 51 -7.93 20.60 -28.76
CA TRP A 51 -8.92 21.16 -29.66
C TRP A 51 -10.13 21.70 -28.89
N SER A 52 -10.52 20.97 -27.85
CA SER A 52 -11.60 21.41 -26.97
C SER A 52 -11.21 22.75 -26.37
N ALA A 53 -9.95 22.86 -25.96
CA ALA A 53 -9.42 24.09 -25.42
C ALA A 53 -9.72 25.23 -26.41
N VAL A 54 -9.39 25.01 -27.66
CA VAL A 54 -9.57 26.03 -28.70
C VAL A 54 -11.05 26.49 -28.86
N LEU A 55 -11.99 25.57 -28.70
CA LEU A 55 -13.42 25.85 -28.78
C LEU A 55 -13.99 26.47 -27.49
N GLN A 56 -13.33 26.21 -26.35
CA GLN A 56 -13.59 26.94 -25.12
C GLN A 56 -13.08 28.38 -25.23
N GLY A 57 -11.96 28.53 -25.96
CA GLY A 57 -11.19 29.77 -26.08
C GLY A 57 -10.23 30.10 -24.97
N THR A 58 -9.56 29.09 -24.46
CA THR A 58 -8.50 29.29 -23.47
C THR A 58 -7.38 28.27 -23.71
N TRP A 59 -6.18 28.56 -23.19
CA TRP A 59 -5.06 27.59 -23.10
C TRP A 59 -4.52 27.42 -21.66
N ASN A 60 -5.16 28.07 -20.69
CA ASN A 60 -4.75 27.96 -19.29
C ASN A 60 -5.18 26.58 -18.74
N PRO A 61 -4.23 25.81 -18.23
CA PRO A 61 -4.58 24.44 -17.78
C PRO A 61 -5.46 24.41 -16.53
N GLN A 62 -5.46 25.51 -15.79
CA GLN A 62 -6.40 25.71 -14.67
C GLN A 62 -7.78 26.16 -15.17
N LEU A 63 -7.93 26.46 -16.45
CA LEU A 63 -9.25 26.74 -16.98
C LEU A 63 -9.77 25.73 -17.97
N ILE A 64 -8.91 24.97 -18.64
CA ILE A 64 -9.39 24.11 -19.74
C ILE A 64 -10.36 23.10 -19.14
N SER A 65 -11.53 22.92 -19.74
CA SER A 65 -12.48 21.98 -19.16
C SER A 65 -13.32 21.36 -20.23
N VAL A 66 -13.42 20.04 -20.25
CA VAL A 66 -14.19 19.34 -21.26
C VAL A 66 -15.40 18.73 -20.62
N TYR A 67 -16.58 19.24 -20.91
CA TYR A 67 -17.77 18.83 -20.20
C TYR A 67 -18.52 17.82 -21.06
N PRO A 68 -19.14 16.81 -20.39
CA PRO A 68 -19.97 15.86 -21.09
C PRO A 68 -21.17 16.56 -21.69
N PRO A 69 -21.88 15.87 -22.60
CA PRO A 69 -23.17 16.38 -23.09
C PRO A 69 -24.17 16.71 -21.98
N ALA A 70 -24.96 17.73 -22.21
CA ALA A 70 -26.03 18.11 -21.29
C ALA A 70 -27.06 16.99 -21.21
N LEU A 71 -27.77 16.93 -20.09
CA LEU A 71 -28.70 15.84 -19.82
C LEU A 71 -29.71 15.59 -20.93
N GLU A 72 -30.14 16.67 -21.62
CA GLU A 72 -31.09 16.55 -22.74
C GLU A 72 -30.62 15.56 -23.82
N TYR A 73 -29.31 15.42 -24.03
CA TYR A 73 -28.79 14.45 -24.97
C TYR A 73 -28.99 12.98 -24.58
N GLY A 74 -29.44 12.71 -23.35
CA GLY A 74 -29.53 11.32 -22.85
C GLY A 74 -28.21 10.55 -23.00
N LEU A 75 -28.31 9.35 -23.58
CA LEU A 75 -27.17 8.48 -23.86
C LEU A 75 -26.87 8.47 -25.37
N GLY A 76 -27.37 9.46 -26.11
CA GLY A 76 -27.00 9.61 -27.51
C GLY A 76 -25.65 10.28 -27.67
N GLY A 77 -25.27 10.52 -28.91
CA GLY A 77 -24.05 11.29 -29.22
C GLY A 77 -24.40 12.77 -29.29
N ALA A 78 -23.42 13.63 -29.13
CA ALA A 78 -23.66 15.07 -29.14
C ALA A 78 -22.66 15.73 -30.08
N PRO A 79 -22.95 16.92 -30.60
CA PRO A 79 -21.93 17.59 -31.41
C PRO A 79 -20.62 17.82 -30.64
N LEU A 80 -19.53 17.80 -31.39
CA LEU A 80 -18.22 17.86 -30.84
C LEU A 80 -18.08 19.01 -29.81
N ALA A 81 -18.57 20.17 -30.20
CA ALA A 81 -18.41 21.39 -29.40
C ALA A 81 -19.19 21.36 -28.10
N LYS A 82 -20.18 20.47 -28.04
CA LYS A 82 -21.25 20.47 -27.07
C LYS A 82 -21.37 19.10 -26.43
N GLY A 83 -20.25 18.43 -26.19
CA GLY A 83 -20.31 17.12 -25.55
C GLY A 83 -19.66 15.96 -26.30
N GLY A 84 -19.68 16.04 -27.65
CA GLY A 84 -19.09 14.99 -28.48
C GLY A 84 -17.63 14.67 -28.16
N LEU A 85 -16.84 15.73 -27.92
CA LEU A 85 -15.43 15.60 -27.66
C LEU A 85 -15.22 14.89 -26.33
N TRP A 86 -16.07 15.20 -25.35
CA TRP A 86 -15.97 14.49 -24.09
C TRP A 86 -16.17 13.01 -24.31
N GLN A 87 -17.12 12.64 -25.17
CA GLN A 87 -17.45 11.23 -25.36
C GLN A 87 -16.28 10.51 -26.04
N ILE A 88 -15.70 11.14 -27.06
CA ILE A 88 -14.50 10.59 -27.69
C ILE A 88 -13.29 10.51 -26.73
N ILE A 89 -13.09 11.56 -25.93
CA ILE A 89 -11.95 11.59 -25.02
C ILE A 89 -12.14 10.50 -23.96
N THR A 90 -13.38 10.20 -23.59
CA THR A 90 -13.58 9.16 -22.61
C THR A 90 -13.21 7.80 -23.20
N ILE A 91 -13.53 7.59 -24.46
CA ILE A 91 -13.17 6.35 -25.11
C ILE A 91 -11.65 6.24 -25.24
N CYS A 92 -11.01 7.34 -25.62
CA CYS A 92 -9.54 7.31 -25.63
C CYS A 92 -8.99 7.01 -24.26
N ALA A 93 -9.53 7.65 -23.22
CA ALA A 93 -9.06 7.45 -21.84
C ALA A 93 -9.10 5.97 -21.36
N THR A 94 -10.27 5.38 -21.54
CA THR A 94 -10.55 3.99 -21.26
C THR A 94 -9.57 3.11 -22.04
N GLY A 95 -9.48 3.34 -23.34
CA GLY A 95 -8.48 2.65 -24.21
C GLY A 95 -7.06 2.77 -23.70
N ALA A 96 -6.67 3.96 -23.25
CA ALA A 96 -5.33 4.12 -22.73
C ALA A 96 -5.15 3.39 -21.42
N PHE A 97 -6.17 3.32 -20.56
CA PHE A 97 -5.95 2.76 -19.23
C PHE A 97 -5.85 1.25 -19.37
N VAL A 98 -6.72 0.65 -20.17
CA VAL A 98 -6.76 -0.78 -20.40
C VAL A 98 -5.51 -1.21 -21.15
N SER A 99 -5.17 -0.48 -22.20
CA SER A 99 -3.89 -0.69 -22.86
C SER A 99 -2.74 -0.61 -21.83
N TRP A 100 -2.76 0.34 -20.91
CA TRP A 100 -1.68 0.40 -19.93
C TRP A 100 -1.65 -0.88 -19.02
N ALA A 101 -2.83 -1.34 -18.61
CA ALA A 101 -2.95 -2.50 -17.76
C ALA A 101 -2.39 -3.73 -18.52
N LEU A 102 -2.71 -3.84 -19.81
CA LEU A 102 -2.38 -5.02 -20.58
C LEU A 102 -0.87 -4.99 -20.90
N ARG A 103 -0.32 -3.80 -21.16
CA ARG A 103 1.14 -3.65 -21.31
C ARG A 103 1.79 -4.13 -20.02
N GLU A 104 1.19 -3.81 -18.88
CA GLU A 104 1.76 -4.24 -17.61
C GLU A 104 1.80 -5.80 -17.50
N VAL A 105 0.82 -6.46 -18.12
CA VAL A 105 0.72 -7.89 -18.11
C VAL A 105 1.85 -8.48 -18.96
N GLU A 106 2.14 -7.83 -20.08
CA GLU A 106 3.23 -8.24 -20.93
C GLU A 106 4.55 -8.14 -20.22
N ILE A 107 4.74 -7.08 -19.46
CA ILE A 107 5.97 -6.86 -18.65
C ILE A 107 6.13 -7.93 -17.56
N CYS A 108 5.03 -8.30 -16.90
CA CYS A 108 5.03 -9.38 -15.94
C CYS A 108 5.46 -10.70 -16.54
N ARG A 109 4.95 -10.99 -17.72
CA ARG A 109 5.21 -12.24 -18.37
C ARG A 109 6.67 -12.34 -18.76
N LYS A 110 7.23 -11.23 -19.26
CA LYS A 110 8.65 -11.23 -19.56
C LYS A 110 9.50 -11.38 -18.28
N LEU A 111 9.05 -10.77 -17.18
CA LEU A 111 9.83 -10.77 -15.93
C LEU A 111 9.64 -12.01 -15.08
N GLY A 112 8.73 -12.87 -15.49
CA GLY A 112 8.37 -14.02 -14.70
C GLY A 112 7.76 -13.71 -13.34
N ILE A 113 7.02 -12.57 -13.25
CA ILE A 113 6.41 -12.23 -11.93
C ILE A 113 4.90 -12.45 -11.92
N GLY A 114 4.28 -12.41 -10.74
CA GLY A 114 2.81 -12.45 -10.66
C GLY A 114 2.15 -11.23 -11.27
N TYR A 115 0.85 -11.38 -11.56
CA TYR A 115 0.06 -10.34 -12.16
C TYR A 115 -0.62 -9.39 -11.19
N HIS A 116 -0.12 -9.27 -9.97
CA HIS A 116 -0.87 -8.52 -8.94
C HIS A 116 -0.98 -7.05 -9.28
N ILE A 117 0.03 -6.46 -9.89
CA ILE A 117 0.02 -5.02 -10.14
C ILE A 117 -1.13 -4.55 -11.07
N PRO A 118 -1.19 -5.02 -12.32
CA PRO A 118 -2.31 -4.75 -13.23
C PRO A 118 -3.71 -5.16 -12.72
N PHE A 119 -3.78 -6.25 -11.99
CA PHE A 119 -4.96 -6.58 -11.28
C PHE A 119 -5.38 -5.44 -10.30
N ALA A 120 -4.41 -4.87 -9.57
CA ALA A 120 -4.71 -3.79 -8.65
C ALA A 120 -5.15 -2.57 -9.45
N PHE A 121 -4.39 -2.30 -10.50
CA PHE A 121 -4.69 -1.18 -11.30
C PHE A 121 -6.11 -1.30 -11.81
N ALA A 122 -6.56 -2.52 -12.13
CA ALA A 122 -7.88 -2.65 -12.76
C ALA A 122 -8.98 -2.09 -11.82
N PHE A 123 -8.73 -2.07 -10.50
CA PHE A 123 -9.67 -1.46 -9.55
C PHE A 123 -9.80 0.05 -9.80
N ALA A 124 -8.70 0.72 -10.01
CA ALA A 124 -8.73 2.15 -10.33
C ALA A 124 -9.59 2.41 -11.58
N ILE A 125 -9.26 1.70 -12.65
CA ILE A 125 -10.02 1.78 -13.89
C ILE A 125 -11.53 1.56 -13.67
N LEU A 126 -11.88 0.58 -12.87
CA LEU A 126 -13.28 0.32 -12.64
C LEU A 126 -13.94 1.50 -11.85
N ALA A 127 -13.19 2.13 -10.94
CA ALA A 127 -13.68 3.31 -10.24
C ALA A 127 -13.96 4.42 -11.28
N TYR A 128 -12.98 4.72 -12.13
CA TYR A 128 -13.14 5.64 -13.23
C TYR A 128 -14.36 5.28 -14.03
N LEU A 129 -14.49 4.03 -14.45
CA LEU A 129 -15.58 3.67 -15.33
C LEU A 129 -16.96 3.74 -14.63
N THR A 130 -16.97 3.52 -13.33
CA THR A 130 -18.18 3.75 -12.58
C THR A 130 -18.61 5.22 -12.74
N LEU A 131 -17.72 6.19 -12.57
CA LEU A 131 -18.15 7.58 -12.65
C LEU A 131 -18.53 8.08 -14.05
N VAL A 132 -17.78 7.65 -15.08
CA VAL A 132 -18.00 8.14 -16.44
C VAL A 132 -18.82 7.23 -17.32
N LEU A 133 -18.95 5.96 -16.93
CA LEU A 133 -19.68 5.02 -17.81
C LEU A 133 -20.84 4.33 -17.15
N PHE A 134 -20.60 3.57 -16.08
CA PHE A 134 -21.66 2.70 -15.52
C PHE A 134 -22.73 3.49 -14.84
N ARG A 135 -22.34 4.45 -14.02
CA ARG A 135 -23.33 5.25 -13.32
C ARG A 135 -24.16 6.07 -14.32
N PRO A 136 -23.53 6.85 -15.20
CA PRO A 136 -24.33 7.56 -16.20
C PRO A 136 -25.27 6.70 -17.04
N VAL A 137 -24.89 5.45 -17.33
CA VAL A 137 -25.74 4.59 -18.13
C VAL A 137 -26.95 4.19 -17.32
N MET A 138 -26.74 3.80 -16.06
CA MET A 138 -27.83 3.43 -15.18
C MET A 138 -28.72 4.63 -14.91
N MET A 139 -28.15 5.83 -14.74
CA MET A 139 -28.97 7.05 -14.61
C MET A 139 -29.55 7.63 -15.91
N GLY A 140 -29.20 7.08 -17.08
CA GLY A 140 -29.79 7.47 -18.36
C GLY A 140 -29.19 8.69 -19.07
N ALA A 141 -27.99 9.17 -18.67
CA ALA A 141 -27.37 10.27 -19.41
C ALA A 141 -25.91 10.50 -19.13
N TRP A 142 -25.14 10.80 -20.17
CA TRP A 142 -23.71 11.10 -20.03
C TRP A 142 -23.44 12.32 -19.18
N GLY A 143 -24.40 13.24 -19.11
CA GLY A 143 -24.25 14.48 -18.36
C GLY A 143 -24.11 14.33 -16.86
N TYR A 144 -24.39 13.12 -16.34
CA TYR A 144 -24.13 12.80 -14.94
C TYR A 144 -22.65 12.48 -14.66
N ALA A 145 -21.86 12.33 -15.73
CA ALA A 145 -20.41 12.12 -15.55
C ALA A 145 -19.76 13.44 -15.17
N PHE A 146 -18.57 13.35 -14.65
CA PHE A 146 -17.81 14.53 -14.31
C PHE A 146 -17.04 15.07 -15.48
N PRO A 147 -16.77 16.38 -15.47
CA PRO A 147 -16.14 16.97 -16.59
C PRO A 147 -14.64 16.86 -16.37
N TYR A 148 -13.88 16.95 -17.46
CA TYR A 148 -12.41 16.90 -17.34
C TYR A 148 -11.81 18.27 -17.26
N GLY A 149 -11.62 18.71 -16.03
CA GLY A 149 -11.03 20.01 -15.74
C GLY A 149 -10.54 20.03 -14.31
N ILE A 150 -9.40 20.68 -14.09
CA ILE A 150 -8.69 20.57 -12.84
C ILE A 150 -9.59 20.99 -11.68
N TRP A 151 -10.21 22.13 -11.84
CA TRP A 151 -11.13 22.64 -10.83
C TRP A 151 -12.56 22.30 -11.13
N THR A 152 -12.95 22.24 -12.41
CA THR A 152 -14.36 21.95 -12.69
C THR A 152 -14.77 20.55 -12.18
N HIS A 153 -13.84 19.60 -12.15
CA HIS A 153 -14.25 18.29 -11.65
C HIS A 153 -14.54 18.30 -10.14
N LEU A 154 -13.86 19.18 -9.42
CA LEU A 154 -14.09 19.43 -8.00
C LEU A 154 -15.46 20.07 -7.77
N ASP A 155 -15.85 21.02 -8.63
CA ASP A 155 -17.19 21.52 -8.62
C ASP A 155 -18.18 20.38 -8.74
N TRP A 156 -17.94 19.45 -9.68
CA TRP A 156 -18.82 18.30 -9.84
C TRP A 156 -18.87 17.42 -8.59
N VAL A 157 -17.79 17.33 -7.87
CA VAL A 157 -17.80 16.45 -6.71
C VAL A 157 -18.75 17.07 -5.69
N SER A 158 -18.62 18.38 -5.56
CA SER A 158 -19.34 19.08 -4.55
C SER A 158 -20.85 19.22 -4.88
N ASN A 159 -21.19 19.54 -6.12
CA ASN A 159 -22.55 19.54 -6.52
C ASN A 159 -23.21 18.18 -6.43
N THR A 160 -22.48 17.13 -6.79
CA THR A 160 -23.03 15.79 -6.77
C THR A 160 -23.29 15.38 -5.33
N GLY A 161 -22.34 15.64 -4.45
CA GLY A 161 -22.55 15.30 -3.04
C GLY A 161 -23.75 16.00 -2.39
N TYR A 162 -23.82 17.31 -2.56
CA TYR A 162 -24.87 18.12 -1.93
C TYR A 162 -26.25 17.88 -2.53
N THR A 163 -26.30 17.24 -3.68
CA THR A 163 -27.56 16.71 -4.19
C THR A 163 -28.24 15.74 -3.22
N TYR A 164 -27.44 15.04 -2.40
CA TYR A 164 -27.94 14.06 -1.48
C TYR A 164 -27.70 14.52 -0.03
N GLY A 165 -27.64 15.82 0.17
CA GLY A 165 -27.36 16.36 1.52
C GLY A 165 -25.86 16.34 1.84
N ASN A 166 -25.53 16.16 3.12
CA ASN A 166 -24.15 15.85 3.52
C ASN A 166 -23.86 14.41 3.11
N PHE A 167 -22.89 14.22 2.21
CA PHE A 167 -22.70 12.95 1.57
C PHE A 167 -22.02 11.99 2.56
N HIS A 168 -21.53 12.54 3.66
CA HIS A 168 -20.94 11.81 4.73
C HIS A 168 -21.87 10.69 5.15
N TYR A 169 -23.17 10.89 5.01
CA TYR A 169 -24.11 9.93 5.53
C TYR A 169 -24.31 8.73 4.61
N ASN A 170 -23.70 8.71 3.43
CA ASN A 170 -23.67 7.50 2.60
C ASN A 170 -22.90 6.36 3.30
N PRO A 171 -23.56 5.25 3.66
CA PRO A 171 -22.85 4.23 4.44
C PRO A 171 -21.69 3.54 3.72
N ALA A 172 -21.79 3.32 2.41
CA ALA A 172 -20.70 2.75 1.67
C ALA A 172 -19.55 3.72 1.70
N HIS A 173 -19.86 5.02 1.71
CA HIS A 173 -18.87 6.10 1.69
C HIS A 173 -18.14 6.11 2.99
N MET A 174 -18.81 5.84 4.09
CA MET A 174 -18.14 5.75 5.39
C MET A 174 -17.16 4.62 5.42
N ILE A 175 -17.57 3.49 4.87
CA ILE A 175 -16.66 2.35 4.84
C ILE A 175 -15.43 2.72 3.99
N ALA A 176 -15.67 3.33 2.83
CA ALA A 176 -14.62 3.67 1.90
C ALA A 176 -13.58 4.54 2.59
N ILE A 177 -14.05 5.59 3.27
CA ILE A 177 -13.18 6.51 4.00
C ILE A 177 -12.39 5.71 5.02
N SER A 178 -13.06 4.85 5.78
CA SER A 178 -12.34 4.05 6.77
C SER A 178 -11.15 3.32 6.18
N PHE A 179 -11.34 2.68 5.04
CA PHE A 179 -10.27 2.00 4.35
C PHE A 179 -9.19 2.98 3.91
N PHE A 180 -9.54 4.13 3.32
CA PHE A 180 -8.53 5.12 2.98
C PHE A 180 -7.69 5.58 4.17
N PHE A 181 -8.31 5.94 5.28
CA PHE A 181 -7.57 6.44 6.40
C PHE A 181 -6.78 5.28 6.98
N THR A 182 -7.38 4.10 7.05
CA THR A 182 -6.60 2.94 7.59
C THR A 182 -5.40 2.60 6.70
N ASN A 183 -5.55 2.77 5.37
CA ASN A 183 -4.52 2.44 4.46
C ASN A 183 -3.34 3.33 4.69
N ALA A 184 -3.58 4.62 4.84
CA ALA A 184 -2.53 5.60 5.07
C ALA A 184 -1.86 5.37 6.43
N LEU A 185 -2.62 4.96 7.41
CA LEU A 185 -2.05 4.57 8.71
C LEU A 185 -1.07 3.38 8.55
N ALA A 186 -1.53 2.34 7.85
CA ALA A 186 -0.73 1.18 7.50
C ALA A 186 0.55 1.54 6.68
N LEU A 187 0.43 2.46 5.72
CA LEU A 187 1.55 2.87 4.91
C LEU A 187 2.58 3.60 5.76
N ALA A 188 2.14 4.50 6.65
CA ALA A 188 3.08 5.21 7.56
C ALA A 188 3.79 4.18 8.42
N LEU A 189 3.02 3.29 9.01
CA LEU A 189 3.60 2.28 9.95
C LEU A 189 4.62 1.40 9.24
N HIS A 190 4.30 0.91 8.06
CA HIS A 190 5.16 -0.03 7.36
C HIS A 190 6.44 0.62 6.91
N GLY A 191 6.34 1.79 6.32
CA GLY A 191 7.51 2.53 5.93
C GLY A 191 8.41 2.82 7.11
N ALA A 192 7.82 3.31 8.19
CA ALA A 192 8.56 3.63 9.40
C ALA A 192 9.16 2.34 9.95
N LEU A 193 8.43 1.23 9.84
CA LEU A 193 8.91 0.04 10.54
C LEU A 193 10.20 -0.47 9.85
N VAL A 194 10.13 -0.64 8.53
CA VAL A 194 11.25 -1.21 7.78
C VAL A 194 12.47 -0.29 7.89
N LEU A 195 12.24 1.01 7.81
CA LEU A 195 13.31 1.99 7.90
C LEU A 195 13.93 2.03 9.25
N SER A 196 13.11 1.88 10.30
CA SER A 196 13.59 1.83 11.69
C SER A 196 14.50 0.63 11.89
N ALA A 197 14.22 -0.45 11.16
CA ALA A 197 15.05 -1.65 11.28
C ALA A 197 16.33 -1.51 10.38
N ALA A 198 16.17 -0.93 9.22
CA ALA A 198 17.31 -0.76 8.28
C ALA A 198 18.27 0.33 8.72
N ASN A 199 17.79 1.25 9.55
CA ASN A 199 18.52 2.45 9.97
C ASN A 199 18.39 2.57 11.48
N PRO A 200 19.05 1.67 12.18
CA PRO A 200 18.94 1.68 13.63
C PRO A 200 19.67 2.86 14.23
N GLU A 201 19.72 2.91 15.57
CA GLU A 201 20.50 3.96 16.27
C GLU A 201 21.94 3.92 15.84
N LYS A 202 22.57 5.08 15.95
CA LYS A 202 23.94 5.27 15.45
C LYS A 202 24.94 4.26 15.96
N GLY A 203 25.61 3.62 15.01
CA GLY A 203 26.70 2.66 15.30
C GLY A 203 26.23 1.21 15.42
N LYS A 204 24.91 0.98 15.45
CA LYS A 204 24.40 -0.35 15.70
C LYS A 204 24.14 -1.13 14.41
N GLU A 205 24.08 -2.45 14.55
CA GLU A 205 23.81 -3.34 13.44
C GLU A 205 22.37 -3.22 12.96
N MET A 206 22.17 -3.42 11.65
CA MET A 206 20.81 -3.48 11.10
C MET A 206 20.00 -4.45 11.97
N ARG A 207 18.76 -4.09 12.29
CA ARG A 207 17.87 -5.06 12.95
C ARG A 207 17.32 -6.06 11.96
N THR A 208 16.52 -6.99 12.46
CA THR A 208 16.04 -8.14 11.71
C THR A 208 14.51 -8.14 11.68
N PRO A 209 13.93 -8.91 10.80
CA PRO A 209 12.49 -8.97 10.79
C PRO A 209 11.98 -9.36 12.15
N ASP A 210 12.74 -10.14 12.89
CA ASP A 210 12.36 -10.51 14.26
C ASP A 210 12.23 -9.27 15.17
N HIS A 211 13.11 -8.31 15.03
CA HIS A 211 13.01 -7.05 15.78
C HIS A 211 11.73 -6.30 15.40
N GLU A 212 11.35 -6.41 14.15
CA GLU A 212 10.13 -5.72 13.64
C GLU A 212 8.85 -6.32 14.29
N ASP A 213 8.79 -7.67 14.38
CA ASP A 213 7.68 -8.35 15.08
C ASP A 213 7.76 -7.95 16.56
N THR A 214 8.94 -7.91 17.15
CA THR A 214 9.02 -7.63 18.55
C THR A 214 8.48 -6.25 18.86
N PHE A 215 8.82 -5.28 18.01
CA PHE A 215 8.43 -3.88 18.20
C PHE A 215 6.95 -3.79 18.26
N PHE A 216 6.30 -4.37 17.26
CA PHE A 216 4.84 -4.32 17.20
C PHE A 216 4.13 -5.10 18.32
N ARG A 217 4.71 -6.22 18.77
CA ARG A 217 4.09 -6.99 19.79
C ARG A 217 4.24 -6.26 21.09
N ASP A 218 5.43 -5.70 21.33
CA ASP A 218 5.64 -4.86 22.48
C ASP A 218 4.64 -3.67 22.50
N LEU A 219 4.41 -3.04 21.34
CA LEU A 219 3.54 -1.86 21.26
C LEU A 219 2.04 -2.19 21.37
N VAL A 220 1.54 -3.06 20.51
CA VAL A 220 0.11 -3.33 20.49
C VAL A 220 -0.29 -4.76 20.78
N GLY A 221 0.64 -5.66 21.07
CA GLY A 221 0.27 -7.04 21.39
C GLY A 221 0.07 -7.90 20.15
N TYR A 222 0.43 -7.40 18.97
CA TYR A 222 0.25 -8.21 17.78
C TYR A 222 1.16 -7.79 16.63
N SER A 223 1.61 -8.74 15.83
CA SER A 223 2.33 -8.39 14.61
C SER A 223 1.82 -9.19 13.41
N ILE A 224 1.48 -8.49 12.35
CA ILE A 224 0.86 -9.15 11.22
C ILE A 224 1.90 -9.88 10.42
N GLY A 225 3.16 -9.45 10.53
CA GLY A 225 4.27 -10.06 9.79
C GLY A 225 4.49 -9.45 8.41
N THR A 226 5.62 -9.83 7.82
CA THR A 226 6.17 -9.17 6.65
C THR A 226 5.42 -9.57 5.41
N LEU A 227 4.97 -10.82 5.30
CA LEU A 227 4.02 -11.12 4.21
C LEU A 227 2.68 -10.37 4.48
N GLY A 228 2.23 -10.50 5.74
CA GLY A 228 0.94 -9.97 6.15
C GLY A 228 0.70 -8.52 5.72
N ILE A 229 1.73 -7.73 5.95
CA ILE A 229 1.57 -6.31 5.87
C ILE A 229 1.42 -5.87 4.44
N HIS A 230 2.00 -6.63 3.52
CA HIS A 230 1.92 -6.34 2.11
C HIS A 230 0.59 -6.84 1.55
N ARG A 231 0.16 -7.96 2.06
CA ARG A 231 -1.24 -8.36 1.84
C ARG A 231 -2.25 -7.30 2.34
N LEU A 232 -1.97 -6.68 3.50
CA LEU A 232 -2.86 -5.76 4.15
C LEU A 232 -2.98 -4.48 3.31
N GLY A 233 -1.85 -3.85 3.05
CA GLY A 233 -1.82 -2.65 2.22
C GLY A 233 -2.57 -2.87 0.94
N LEU A 234 -2.36 -4.03 0.31
CA LEU A 234 -3.06 -4.26 -0.96
C LEU A 234 -4.58 -4.34 -0.67
N LEU A 235 -4.98 -5.08 0.33
CA LEU A 235 -6.42 -5.20 0.70
C LEU A 235 -7.06 -3.82 1.09
N LEU A 236 -6.34 -2.99 1.85
CA LEU A 236 -6.89 -1.81 2.42
C LEU A 236 -7.17 -0.86 1.25
N SER A 237 -6.20 -0.72 0.37
CA SER A 237 -6.31 0.24 -0.67
C SER A 237 -7.27 -0.19 -1.78
N LEU A 238 -7.25 -1.48 -2.11
CA LEU A 238 -8.24 -1.99 -3.07
C LEU A 238 -9.66 -1.92 -2.45
N SER A 239 -9.81 -2.18 -1.14
CA SER A 239 -11.13 -2.14 -0.54
C SER A 239 -11.65 -0.68 -0.52
N ALA A 240 -10.77 0.25 -0.27
CA ALA A 240 -11.12 1.65 -0.27
C ALA A 240 -11.72 2.09 -1.64
N VAL A 241 -11.14 1.59 -2.72
CA VAL A 241 -11.60 1.87 -4.07
C VAL A 241 -12.85 1.05 -4.44
N PHE A 242 -12.99 -0.14 -3.90
CA PHE A 242 -14.15 -0.94 -4.19
C PHE A 242 -15.40 -0.26 -3.57
N PHE A 243 -15.25 0.19 -2.33
CA PHE A 243 -16.33 0.83 -1.61
C PHE A 243 -16.62 2.23 -2.16
N SER A 244 -15.62 2.87 -2.73
CA SER A 244 -15.83 4.14 -3.40
C SER A 244 -16.73 3.93 -4.60
N ALA A 245 -16.35 2.99 -5.47
CA ALA A 245 -17.17 2.60 -6.63
C ALA A 245 -18.60 2.20 -6.21
N LEU A 246 -18.68 1.40 -5.16
CA LEU A 246 -19.97 0.98 -4.64
C LEU A 246 -20.83 2.21 -4.19
N CYS A 247 -20.23 3.11 -3.42
CA CYS A 247 -20.93 4.19 -2.82
C CYS A 247 -21.47 5.14 -3.87
N MET A 248 -20.83 5.20 -5.02
CA MET A 248 -21.38 6.02 -6.11
C MET A 248 -22.33 5.26 -7.06
N ILE A 249 -22.16 3.95 -7.20
CA ILE A 249 -22.97 3.16 -8.14
C ILE A 249 -24.39 3.09 -7.64
N ILE A 250 -24.55 3.11 -6.31
CA ILE A 250 -25.88 3.12 -5.66
C ILE A 250 -26.53 4.51 -5.56
N THR A 251 -25.75 5.57 -5.73
CA THR A 251 -26.24 6.93 -5.55
C THR A 251 -26.80 7.50 -6.85
N GLY A 252 -28.05 7.89 -6.81
CA GLY A 252 -28.79 8.29 -8.01
C GLY A 252 -29.47 7.13 -8.71
N THR A 253 -29.31 5.92 -8.21
CA THR A 253 -29.88 4.74 -8.84
C THR A 253 -30.74 4.04 -7.82
N ILE A 254 -30.20 3.28 -6.87
CA ILE A 254 -31.09 2.63 -5.89
C ILE A 254 -31.45 3.57 -4.75
N TRP A 255 -30.52 4.44 -4.35
CA TRP A 255 -30.84 5.49 -3.40
C TRP A 255 -30.58 6.86 -4.02
N PHE A 256 -31.54 7.77 -3.92
CA PHE A 256 -31.44 9.13 -4.54
C PHE A 256 -32.06 10.25 -3.67
N ASP A 257 -32.41 9.93 -2.44
CA ASP A 257 -32.94 10.91 -1.51
C ASP A 257 -31.79 11.43 -0.65
N GLN A 258 -32.08 12.13 0.45
CA GLN A 258 -31.00 12.63 1.33
C GLN A 258 -30.38 11.48 2.12
N TRP A 259 -29.08 11.30 2.00
CA TRP A 259 -28.45 10.14 2.67
C TRP A 259 -28.68 10.06 4.20
N VAL A 260 -28.79 11.20 4.89
CA VAL A 260 -29.05 11.19 6.33
C VAL A 260 -30.32 10.39 6.62
N ASP A 261 -31.28 10.44 5.72
CA ASP A 261 -32.58 9.83 6.03
C ASP A 261 -32.54 8.31 5.89
N TRP A 262 -31.53 7.77 5.22
CA TRP A 262 -31.40 6.33 5.07
C TRP A 262 -31.36 5.66 6.45
N TRP A 263 -30.72 6.32 7.41
CA TRP A 263 -30.48 5.76 8.72
C TRP A 263 -31.74 5.59 9.54
N GLN A 264 -32.85 6.16 9.07
CA GLN A 264 -34.12 5.95 9.76
C GLN A 264 -34.56 4.46 9.80
N TRP A 265 -34.04 3.61 8.91
CA TRP A 265 -34.46 2.19 8.95
C TRP A 265 -34.10 1.52 10.28
N TRP A 266 -32.88 1.79 10.77
CA TRP A 266 -32.41 1.35 12.06
C TRP A 266 -33.22 1.91 13.20
N VAL A 267 -33.45 3.22 13.19
CA VAL A 267 -34.10 3.93 14.30
C VAL A 267 -35.54 3.49 14.46
N LYS A 268 -36.13 3.03 13.36
CA LYS A 268 -37.53 2.67 13.33
C LYS A 268 -37.78 1.19 13.40
N LEU A 269 -36.77 0.38 13.69
CA LEU A 269 -37.03 -1.02 14.01
C LEU A 269 -38.07 -1.11 15.16
N PRO A 270 -39.02 -2.06 15.07
CA PRO A 270 -40.23 -2.01 15.92
C PRO A 270 -39.99 -2.17 17.43
N TRP A 271 -39.03 -3.01 17.79
CA TRP A 271 -38.70 -3.24 19.21
C TRP A 271 -38.23 -2.00 19.95
N TRP A 272 -37.59 -1.04 19.29
CA TRP A 272 -37.31 0.23 19.97
C TRP A 272 -37.89 1.49 19.35
N ALA A 273 -38.58 1.39 18.23
CA ALA A 273 -39.06 2.60 17.54
C ALA A 273 -39.76 3.59 18.47
N ASN A 274 -40.60 3.11 19.39
CA ASN A 274 -41.42 4.04 20.19
C ASN A 274 -41.06 4.18 21.67
N ILE A 275 -39.97 3.54 22.09
CA ILE A 275 -39.50 3.67 23.47
C ILE A 275 -39.16 5.16 23.66
N PRO A 276 -39.75 5.84 24.66
CA PRO A 276 -39.45 7.27 24.80
C PRO A 276 -38.02 7.58 25.25
N GLY A 277 -37.61 8.84 25.12
CA GLY A 277 -36.26 9.29 25.49
C GLY A 277 -35.28 9.28 24.33
N GLY A 278 -33.99 9.51 24.62
CA GLY A 278 -32.96 9.58 23.59
C GLY A 278 -33.10 10.81 22.72
N ILE A 279 -32.43 10.79 21.57
CA ILE A 279 -32.48 11.92 20.66
C ILE A 279 -33.77 11.85 19.82
N ASN A 280 -34.30 10.63 19.64
CA ASN A 280 -35.39 10.36 18.69
C ASN A 280 -36.74 9.97 19.35
N GLY A 281 -37.12 10.63 20.44
CA GLY A 281 -38.37 10.29 21.13
C GLY A 281 -38.87 11.35 22.10
N ALA B 1 -5.69 -22.22 -11.84
CA ALA B 1 -5.09 -20.86 -11.60
C ALA B 1 -3.72 -20.97 -10.89
N GLU B 2 -2.80 -20.07 -11.24
CA GLU B 2 -1.65 -19.80 -10.36
C GLU B 2 -2.30 -19.45 -8.97
N TYR B 3 -1.65 -19.92 -7.91
CA TYR B 3 -1.90 -19.52 -6.54
C TYR B 3 -1.44 -18.08 -6.38
N GLN B 4 -2.26 -17.19 -5.81
CA GLN B 4 -1.86 -15.77 -5.80
C GLN B 4 -1.22 -15.23 -4.50
N ASN B 5 -1.08 -16.07 -3.48
CA ASN B 5 -0.48 -15.65 -2.22
C ASN B 5 -1.18 -14.53 -1.43
N ILE B 6 -2.50 -14.39 -1.57
CA ILE B 6 -3.25 -13.46 -0.72
C ILE B 6 -3.59 -14.14 0.61
N PHE B 7 -3.92 -15.42 0.52
CA PHE B 7 -4.10 -16.27 1.71
C PHE B 7 -3.16 -17.43 1.62
N SER B 8 -2.74 -17.92 2.77
CA SER B 8 -1.80 -19.02 2.84
C SER B 8 -2.47 -20.30 2.55
N GLN B 9 -1.79 -21.22 1.91
CA GLN B 9 -2.36 -22.56 1.72
C GLN B 9 -2.19 -23.47 2.89
N VAL B 10 -1.01 -23.46 3.51
CA VAL B 10 -0.75 -24.31 4.71
C VAL B 10 -0.11 -23.47 5.80
N GLN B 11 -0.62 -23.61 7.02
CA GLN B 11 -0.07 -22.91 8.18
C GLN B 11 0.81 -23.85 8.95
N VAL B 12 1.93 -23.32 9.41
CA VAL B 12 2.80 -24.08 10.31
C VAL B 12 2.85 -23.31 11.61
N ARG B 13 3.01 -24.04 12.70
CA ARG B 13 3.19 -23.38 13.96
C ARG B 13 4.33 -24.03 14.77
N GLY B 14 5.02 -23.16 15.53
CA GLY B 14 6.07 -23.58 16.42
C GLY B 14 5.86 -23.04 17.82
N PRO B 15 6.86 -23.22 18.68
CA PRO B 15 6.76 -22.66 20.02
C PRO B 15 6.55 -21.15 19.93
N ALA B 16 5.82 -20.60 20.89
CA ALA B 16 5.58 -19.17 20.96
C ALA B 16 6.90 -18.38 20.87
N ASP B 17 6.84 -17.34 20.04
CA ASP B 17 7.98 -16.50 19.87
C ASP B 17 7.87 -15.32 20.84
N LEU B 18 8.81 -15.32 21.77
CA LEU B 18 8.82 -14.42 22.90
C LEU B 18 9.57 -13.14 22.56
N GLY B 19 10.21 -13.11 21.40
CA GLY B 19 10.72 -11.87 20.81
C GLY B 19 12.20 -11.62 21.12
N MET B 20 12.75 -10.56 20.52
CA MET B 20 14.10 -10.13 20.82
C MET B 20 14.12 -9.39 22.16
N THR B 21 15.26 -9.40 22.77
CA THR B 21 15.42 -8.94 24.12
C THR B 21 16.05 -7.57 24.09
N GLU B 22 17.22 -7.48 23.42
CA GLU B 22 18.06 -6.29 23.44
C GLU B 22 17.95 -5.66 24.86
N ASP B 23 17.57 -4.38 24.92
CA ASP B 23 17.56 -3.67 26.20
C ASP B 23 16.21 -3.57 26.92
N VAL B 24 15.24 -4.37 26.47
CA VAL B 24 13.88 -4.33 26.98
C VAL B 24 13.82 -4.93 28.37
N ASN B 25 13.14 -4.24 29.28
CA ASN B 25 12.83 -4.80 30.60
C ASN B 25 11.79 -5.91 30.46
N LEU B 26 12.24 -7.17 30.53
CA LEU B 26 11.37 -8.36 30.36
C LEU B 26 10.33 -8.56 31.46
N ALA B 27 10.53 -7.93 32.62
CA ALA B 27 9.52 -7.98 33.67
C ALA B 27 8.21 -7.36 33.18
N ASN B 28 8.26 -6.49 32.16
CA ASN B 28 7.02 -5.85 31.71
C ASN B 28 6.36 -6.53 30.50
N ARG B 29 6.84 -7.69 30.05
CA ARG B 29 6.10 -8.35 28.97
C ARG B 29 5.16 -9.35 29.58
N SER B 30 3.94 -9.38 29.05
CA SER B 30 2.99 -10.44 29.28
C SER B 30 3.53 -11.79 28.79
N GLY B 31 2.81 -12.86 29.13
CA GLY B 31 2.98 -14.12 28.40
C GLY B 31 2.27 -13.97 27.07
N VAL B 32 2.46 -14.95 26.19
CA VAL B 32 1.76 -14.96 24.91
C VAL B 32 0.29 -15.19 25.09
N GLY B 33 -0.49 -14.60 24.19
CA GLY B 33 -1.93 -14.85 24.10
C GLY B 33 -2.16 -16.11 23.30
N PRO B 34 -3.42 -16.40 22.94
CA PRO B 34 -3.74 -17.56 22.13
C PRO B 34 -3.23 -17.40 20.68
N PHE B 35 -3.27 -18.48 19.91
CA PHE B 35 -3.00 -18.43 18.48
C PHE B 35 -4.32 -18.45 17.75
N SER B 36 -4.42 -17.68 16.68
CA SER B 36 -5.65 -17.61 15.92
C SER B 36 -5.42 -18.14 14.53
N THR B 37 -5.82 -19.37 14.29
CA THR B 37 -5.81 -19.92 12.94
C THR B 37 -6.55 -19.03 11.94
N LEU B 38 -7.55 -18.30 12.42
CA LEU B 38 -8.27 -17.40 11.54
C LEU B 38 -7.29 -16.35 11.04
N LEU B 39 -6.63 -15.60 11.94
CA LEU B 39 -5.64 -14.56 11.48
C LEU B 39 -4.53 -15.16 10.59
N GLY B 40 -4.06 -16.35 10.97
CA GLY B 40 -3.03 -17.12 10.25
C GLY B 40 -3.24 -17.47 8.79
N TRP B 41 -4.48 -17.47 8.29
CA TRP B 41 -4.64 -17.49 6.84
C TRP B 41 -4.07 -16.27 6.15
N PHE B 42 -3.98 -15.16 6.90
CA PHE B 42 -3.65 -13.85 6.27
C PHE B 42 -2.32 -13.25 6.81
N GLY B 43 -2.13 -13.31 8.12
CA GLY B 43 -0.93 -12.77 8.77
C GLY B 43 -0.46 -13.80 9.77
N ASN B 44 0.24 -13.36 10.79
CA ASN B 44 0.71 -14.22 11.85
C ASN B 44 -0.45 -14.66 12.71
N ALA B 45 -0.36 -15.90 13.23
CA ALA B 45 -1.39 -16.50 14.06
C ALA B 45 -1.23 -16.12 15.55
N GLN B 46 -0.03 -15.70 15.93
CA GLN B 46 0.26 -15.44 17.32
C GLN B 46 -0.21 -14.08 17.81
N LEU B 47 -0.82 -14.08 18.98
CA LEU B 47 -1.20 -12.92 19.72
C LEU B 47 -0.30 -12.79 20.96
N GLY B 48 0.09 -11.55 21.25
CA GLY B 48 1.00 -11.26 22.36
C GLY B 48 2.41 -11.82 22.12
N PRO B 49 3.27 -11.74 23.12
CA PRO B 49 3.06 -10.91 24.30
C PRO B 49 2.99 -9.41 23.99
N ILE B 50 2.48 -8.65 24.95
CA ILE B 50 2.48 -7.18 24.87
C ILE B 50 3.36 -6.70 25.99
N TYR B 51 3.95 -5.52 25.83
CA TYR B 51 4.79 -4.89 26.84
C TYR B 51 3.94 -3.89 27.58
N LEU B 52 3.79 -3.99 28.88
CA LEU B 52 3.07 -2.93 29.55
C LEU B 52 3.85 -2.50 30.76
N GLY B 53 4.69 -1.49 30.62
CA GLY B 53 5.23 -0.77 31.78
C GLY B 53 4.29 0.33 32.30
N SER B 54 4.85 1.31 33.02
CA SER B 54 4.03 2.37 33.67
C SER B 54 3.37 3.34 32.70
N LEU B 55 4.09 3.71 31.65
CA LEU B 55 3.52 4.60 30.63
C LEU B 55 2.39 3.90 29.85
N GLY B 56 2.47 2.58 29.72
CA GLY B 56 1.41 1.83 29.04
C GLY B 56 0.16 1.81 29.89
N VAL B 57 0.35 1.59 31.18
CA VAL B 57 -0.76 1.52 32.11
C VAL B 57 -1.42 2.87 32.13
N LEU B 58 -0.61 3.92 32.20
CA LEU B 58 -1.12 5.27 32.21
C LEU B 58 -1.98 5.54 30.97
N SER B 59 -1.40 5.31 29.80
CA SER B 59 -2.07 5.52 28.49
C SER B 59 -3.41 4.77 28.37
N LEU B 60 -3.42 3.49 28.69
CA LEU B 60 -4.65 2.66 28.66
C LEU B 60 -5.68 3.13 29.66
N PHE B 61 -5.25 3.35 30.90
CA PHE B 61 -6.17 3.82 31.89
C PHE B 61 -6.86 5.09 31.41
N SER B 62 -6.05 5.97 30.82
CA SER B 62 -6.52 7.28 30.44
C SER B 62 -7.45 7.15 29.24
N GLY B 63 -7.05 6.32 28.30
CA GLY B 63 -7.87 6.03 27.15
C GLY B 63 -9.23 5.49 27.51
N LEU B 64 -9.27 4.55 28.45
CA LEU B 64 -10.51 4.01 29.00
C LEU B 64 -11.34 5.08 29.70
N MET B 65 -10.71 5.97 30.44
CA MET B 65 -11.43 7.07 31.10
C MET B 65 -12.00 8.10 30.07
N TRP B 66 -11.30 8.30 28.97
CA TRP B 66 -11.83 9.08 27.87
C TRP B 66 -13.16 8.46 27.35
N PHE B 67 -13.14 7.13 27.23
CA PHE B 67 -14.24 6.33 26.68
C PHE B 67 -15.37 6.22 27.70
N PHE B 68 -15.02 6.01 28.96
CA PHE B 68 -16.00 5.95 30.02
C PHE B 68 -16.69 7.31 30.12
N THR B 69 -15.95 8.41 30.02
CA THR B 69 -16.58 9.73 30.12
C THR B 69 -17.59 9.96 28.99
N ILE B 70 -17.22 9.63 27.76
CA ILE B 70 -18.14 9.79 26.64
C ILE B 70 -19.36 8.87 26.82
N GLY B 71 -19.11 7.63 27.23
CA GLY B 71 -20.16 6.62 27.37
C GLY B 71 -21.14 6.91 28.48
N ILE B 72 -20.64 7.48 29.57
CA ILE B 72 -21.48 8.00 30.62
C ILE B 72 -22.45 9.03 30.09
N TRP B 73 -21.93 10.00 29.33
CA TRP B 73 -22.79 11.00 28.73
C TRP B 73 -23.82 10.35 27.79
N PHE B 74 -23.37 9.45 26.91
CA PHE B 74 -24.30 8.76 26.02
C PHE B 74 -25.47 8.06 26.75
N TRP B 75 -25.17 7.27 27.79
CA TRP B 75 -26.21 6.57 28.57
C TRP B 75 -27.17 7.54 29.20
N TYR B 76 -26.64 8.65 29.71
CA TYR B 76 -27.46 9.73 30.21
C TYR B 76 -28.39 10.27 29.13
N GLN B 77 -27.86 10.56 27.95
CA GLN B 77 -28.69 11.04 26.84
C GLN B 77 -29.76 9.99 26.48
N ALA B 78 -29.39 8.72 26.60
CA ALA B 78 -30.31 7.62 26.33
C ALA B 78 -31.38 7.38 27.44
N GLY B 79 -31.45 8.25 28.45
CA GLY B 79 -32.32 8.03 29.59
C GLY B 79 -32.05 6.72 30.31
N TRP B 80 -30.78 6.32 30.37
CA TRP B 80 -30.34 5.07 31.01
C TRP B 80 -30.94 3.79 30.39
N ASN B 81 -31.57 3.91 29.22
CA ASN B 81 -32.34 2.82 28.62
C ASN B 81 -31.52 2.17 27.51
N PRO B 82 -31.18 0.88 27.67
CA PRO B 82 -30.32 0.16 26.72
C PRO B 82 -30.82 0.11 25.28
N ALA B 83 -32.12 -0.08 25.10
CA ALA B 83 -32.76 -0.08 23.79
C ALA B 83 -32.54 1.27 23.07
N VAL B 84 -32.81 2.37 23.79
CA VAL B 84 -32.57 3.70 23.30
C VAL B 84 -31.06 3.91 22.99
N PHE B 85 -30.21 3.41 23.87
CA PHE B 85 -28.78 3.59 23.71
C PHE B 85 -28.28 2.99 22.39
N LEU B 86 -28.77 1.79 22.07
CA LEU B 86 -28.41 1.15 20.80
C LEU B 86 -29.09 1.86 19.62
N ARG B 87 -30.36 2.23 19.80
CA ARG B 87 -31.14 2.81 18.73
C ARG B 87 -30.51 4.11 18.24
N ASP B 88 -30.24 5.01 19.19
CA ASP B 88 -29.78 6.36 18.91
C ASP B 88 -28.26 6.54 18.99
N LEU B 89 -27.51 5.45 18.97
CA LEU B 89 -26.06 5.46 19.27
C LEU B 89 -25.27 6.52 18.50
N PHE B 90 -25.51 6.60 17.22
CA PHE B 90 -24.73 7.50 16.38
C PHE B 90 -25.18 8.95 16.48
N PHE B 91 -26.24 9.20 17.25
CA PHE B 91 -26.82 10.55 17.38
C PHE B 91 -26.38 11.26 18.62
N PHE B 92 -25.93 10.52 19.62
CA PHE B 92 -25.51 11.09 20.88
C PHE B 92 -24.26 11.90 20.63
N SER B 93 -24.04 12.89 21.47
CA SER B 93 -22.92 13.80 21.27
C SER B 93 -22.52 14.47 22.56
N LEU B 94 -21.21 14.45 22.83
CA LEU B 94 -20.63 15.19 23.95
C LEU B 94 -19.97 16.43 23.35
N GLU B 95 -20.55 17.58 23.65
CA GLU B 95 -20.32 18.86 22.94
C GLU B 95 -19.50 19.78 23.84
N PRO B 96 -18.56 20.56 23.28
CA PRO B 96 -17.70 21.41 24.05
C PRO B 96 -18.46 22.60 24.59
N PRO B 97 -17.83 23.40 25.47
CA PRO B 97 -18.48 24.58 26.02
C PRO B 97 -18.89 25.60 24.96
N ALA B 98 -19.94 26.35 25.28
CA ALA B 98 -20.42 27.46 24.46
C ALA B 98 -19.32 28.55 24.23
N PRO B 99 -19.45 29.33 23.14
CA PRO B 99 -18.49 30.42 22.89
C PRO B 99 -18.32 31.36 24.07
N GLU B 100 -19.42 31.59 24.79
CA GLU B 100 -19.48 32.47 25.97
CA GLU B 100 -19.45 32.51 25.93
C GLU B 100 -18.45 32.15 27.05
N TYR B 101 -17.95 30.91 27.09
CA TYR B 101 -16.94 30.51 28.11
C TYR B 101 -15.50 30.67 27.64
N GLY B 102 -15.35 31.02 26.37
CA GLY B 102 -14.03 31.16 25.80
C GLY B 102 -13.19 29.92 26.07
N LEU B 103 -11.98 30.16 26.58
CA LEU B 103 -11.03 29.11 26.94
C LEU B 103 -11.09 28.81 28.43
N SER B 104 -12.10 29.29 29.15
CA SER B 104 -12.14 29.05 30.59
C SER B 104 -12.50 27.59 30.86
N PHE B 105 -12.41 27.17 32.13
CA PHE B 105 -12.92 25.87 32.60
C PHE B 105 -14.16 26.07 33.49
N ALA B 106 -14.91 27.14 33.30
CA ALA B 106 -16.01 27.54 34.23
C ALA B 106 -17.39 26.91 33.94
N ALA B 107 -17.52 26.27 32.76
CA ALA B 107 -18.79 25.69 32.27
C ALA B 107 -19.26 24.51 33.13
N PRO B 108 -20.60 24.37 33.31
CA PRO B 108 -21.10 23.20 34.03
C PRO B 108 -20.81 21.87 33.32
N LEU B 109 -20.79 20.80 34.11
CA LEU B 109 -20.57 19.45 33.63
C LEU B 109 -21.48 19.10 32.46
N LYS B 110 -22.78 19.34 32.59
CA LYS B 110 -23.73 18.93 31.55
C LYS B 110 -23.60 19.80 30.30
N GLU B 111 -22.73 20.82 30.34
CA GLU B 111 -22.68 21.81 29.27
C GLU B 111 -21.26 22.28 28.94
N GLY B 112 -20.33 21.35 28.84
CA GLY B 112 -18.96 21.67 28.48
C GLY B 112 -17.91 20.99 29.34
N GLY B 113 -18.10 21.05 30.65
CA GLY B 113 -17.11 20.51 31.59
C GLY B 113 -16.72 19.06 31.33
N LEU B 114 -17.72 18.23 31.03
CA LEU B 114 -17.52 16.81 30.72
C LEU B 114 -16.69 16.64 29.42
N TRP B 115 -16.85 17.58 28.48
CA TRP B 115 -16.14 17.55 27.23
C TRP B 115 -14.66 17.78 27.51
N LEU B 116 -14.39 18.71 28.43
CA LEU B 116 -13.00 19.06 28.77
C LEU B 116 -12.38 17.90 29.50
N ILE B 117 -13.14 17.24 30.35
CA ILE B 117 -12.63 16.10 31.06
C ILE B 117 -12.26 15.01 30.05
N ALA B 118 -13.16 14.77 29.09
CA ALA B 118 -12.91 13.78 28.07
C ALA B 118 -11.66 14.15 27.26
N SER B 119 -11.52 15.42 26.88
CA SER B 119 -10.37 15.84 26.09
C SER B 119 -9.11 15.75 26.93
N PHE B 120 -9.22 16.15 28.19
CA PHE B 120 -8.07 16.02 29.06
C PHE B 120 -7.52 14.58 28.97
N PHE B 121 -8.42 13.60 29.16
CA PHE B 121 -8.02 12.17 29.19
C PHE B 121 -7.45 11.70 27.83
N MET B 122 -7.96 12.28 26.75
CA MET B 122 -7.54 11.87 25.43
C MET B 122 -6.10 12.34 25.21
N PHE B 123 -5.87 13.58 25.62
CA PHE B 123 -4.57 14.24 25.52
C PHE B 123 -3.53 13.39 26.23
N VAL B 124 -3.75 13.08 27.49
CA VAL B 124 -2.84 12.13 28.21
C VAL B 124 -2.71 10.74 27.51
N ALA B 125 -3.79 10.21 26.96
CA ALA B 125 -3.74 8.87 26.39
C ALA B 125 -2.82 8.81 25.14
N VAL B 126 -3.06 9.76 24.25
CA VAL B 126 -2.30 9.89 23.03
C VAL B 126 -0.80 10.24 23.24
N TRP B 127 -0.50 11.23 24.08
CA TRP B 127 0.90 11.67 24.21
C TRP B 127 1.72 10.57 24.93
N SER B 128 1.15 9.94 25.96
CA SER B 128 1.83 8.81 26.61
C SER B 128 2.00 7.64 25.65
N TRP B 129 1.05 7.46 24.75
CA TRP B 129 1.17 6.43 23.71
C TRP B 129 2.26 6.81 22.73
N TRP B 130 2.29 8.08 22.34
CA TRP B 130 3.42 8.63 21.54
C TRP B 130 4.73 8.31 22.26
N GLY B 131 4.79 8.56 23.56
CA GLY B 131 6.02 8.22 24.27
C GLY B 131 6.38 6.72 24.16
N ARG B 132 5.36 5.87 24.30
CA ARG B 132 5.55 4.42 24.08
C ARG B 132 6.19 4.14 22.71
N THR B 133 5.76 4.82 21.65
CA THR B 133 6.31 4.47 20.33
C THR B 133 7.81 4.75 20.26
N TYR B 134 8.26 5.83 20.90
CA TYR B 134 9.69 6.16 20.98
C TYR B 134 10.49 5.14 21.82
N LEU B 135 9.98 4.88 23.02
CA LEU B 135 10.64 4.12 24.04
C LEU B 135 10.80 2.64 23.66
N ARG B 136 9.74 2.03 23.14
CA ARG B 136 9.82 0.64 22.61
C ARG B 136 10.80 0.50 21.44
N ALA B 137 10.91 1.53 20.62
CA ALA B 137 11.95 1.56 19.57
C ALA B 137 13.38 1.60 20.18
N GLN B 138 13.54 2.44 21.18
CA GLN B 138 14.81 2.70 21.77
C GLN B 138 15.31 1.45 22.50
N ALA B 139 14.38 0.75 23.14
CA ALA B 139 14.76 -0.43 23.91
C ALA B 139 15.24 -1.50 22.94
N LEU B 140 14.77 -1.49 21.70
CA LEU B 140 15.18 -2.50 20.72
C LEU B 140 16.34 -2.03 19.82
N GLY B 141 16.84 -0.82 20.06
CA GLY B 141 18.01 -0.30 19.33
C GLY B 141 17.67 0.31 17.96
N MET B 142 16.37 0.44 17.71
CA MET B 142 15.83 0.80 16.42
C MET B 142 15.70 2.29 16.22
N GLY B 143 15.60 2.66 14.95
CA GLY B 143 15.30 4.05 14.60
C GLY B 143 13.95 4.51 15.12
N LYS B 144 13.76 5.83 15.10
CA LYS B 144 12.61 6.48 15.71
C LYS B 144 11.57 6.90 14.71
N HIS B 145 11.59 6.25 13.54
CA HIS B 145 10.75 6.68 12.42
C HIS B 145 9.28 6.55 12.75
N THR B 146 8.92 5.50 13.47
CA THR B 146 7.53 5.34 13.87
C THR B 146 7.07 6.55 14.74
N ALA B 147 7.84 6.92 15.76
CA ALA B 147 7.44 8.00 16.62
C ALA B 147 7.34 9.27 15.79
N TRP B 148 8.27 9.43 14.85
CA TRP B 148 8.23 10.62 14.02
C TRP B 148 7.02 10.61 13.12
N ALA B 149 6.67 9.44 12.58
CA ALA B 149 5.48 9.34 11.78
C ALA B 149 4.23 9.60 12.61
N PHE B 150 4.12 8.92 13.75
CA PHE B 150 2.91 9.10 14.61
C PHE B 150 2.64 10.57 14.95
N LEU B 151 3.72 11.32 15.13
CA LEU B 151 3.71 12.75 15.43
C LEU B 151 2.97 13.58 14.35
N SER B 152 3.14 13.19 13.09
CA SER B 152 2.41 13.79 11.98
C SER B 152 0.90 13.59 12.10
N ALA B 153 0.48 12.42 12.58
CA ALA B 153 -0.95 12.22 12.83
C ALA B 153 -1.39 13.07 14.04
N ILE B 154 -0.54 13.15 15.06
CA ILE B 154 -0.84 13.85 16.28
C ILE B 154 -1.06 15.31 15.92
N TRP B 155 -0.31 15.75 14.90
CA TRP B 155 -0.36 17.14 14.47
C TRP B 155 -1.80 17.57 14.05
N LEU B 156 -2.40 16.85 13.12
CA LEU B 156 -3.80 17.14 12.74
C LEU B 156 -4.72 17.15 13.95
N TRP B 157 -4.61 16.14 14.78
CA TRP B 157 -5.48 16.00 15.96
C TRP B 157 -5.30 17.15 16.95
N MET B 158 -4.07 17.57 17.18
CA MET B 158 -3.77 18.66 18.07
C MET B 158 -4.31 19.96 17.55
N VAL B 159 -4.10 20.18 16.24
CA VAL B 159 -4.60 21.37 15.57
C VAL B 159 -6.11 21.44 15.76
N LEU B 160 -6.83 20.34 15.46
CA LEU B 160 -8.32 20.35 15.50
C LEU B 160 -8.87 20.52 16.91
N GLY B 161 -8.25 19.82 17.87
CA GLY B 161 -8.79 19.74 19.22
C GLY B 161 -8.27 20.77 20.19
N PHE B 162 -7.04 21.23 20.00
CA PHE B 162 -6.34 22.06 20.99
C PHE B 162 -5.74 23.36 20.45
N ILE B 163 -4.81 23.28 19.49
CA ILE B 163 -4.09 24.49 19.01
C ILE B 163 -5.07 25.51 18.38
N ARG B 164 -5.94 25.05 17.48
CA ARG B 164 -6.81 25.98 16.76
C ARG B 164 -7.85 26.56 17.70
N PRO B 165 -8.47 25.73 18.53
CA PRO B 165 -9.35 26.36 19.53
C PRO B 165 -8.67 27.44 20.40
N ILE B 166 -7.46 27.16 20.88
CA ILE B 166 -6.70 28.11 21.72
C ILE B 166 -6.45 29.41 20.96
N LEU B 167 -5.92 29.29 19.75
CA LEU B 167 -5.69 30.44 18.91
C LEU B 167 -6.96 31.19 18.57
N MET B 168 -8.10 30.52 18.35
CA MET B 168 -9.36 31.22 18.13
C MET B 168 -9.99 31.81 19.39
N GLY B 169 -9.50 31.51 20.59
CA GLY B 169 -10.10 32.10 21.79
C GLY B 169 -11.25 31.37 22.48
N SER B 170 -11.62 30.17 22.00
CA SER B 170 -12.65 29.36 22.68
C SER B 170 -12.69 27.87 22.32
N TRP B 171 -13.14 27.08 23.29
CA TRP B 171 -13.26 25.63 23.14
C TRP B 171 -14.45 25.26 22.24
N SER B 172 -15.32 26.22 21.98
CA SER B 172 -16.49 25.98 21.13
C SER B 172 -16.09 25.66 19.72
N GLU B 173 -14.83 25.94 19.36
CA GLU B 173 -14.29 25.67 18.04
C GLU B 173 -13.78 24.25 17.87
N ALA B 174 -13.60 23.52 18.97
CA ALA B 174 -13.12 22.11 18.90
C ALA B 174 -14.26 21.15 18.43
N VAL B 175 -13.88 19.90 18.24
CA VAL B 175 -14.78 18.93 17.67
C VAL B 175 -15.49 18.19 18.78
N PRO B 176 -16.81 17.95 18.61
CA PRO B 176 -17.64 17.19 19.54
C PRO B 176 -17.34 15.72 19.47
N TYR B 177 -17.58 15.00 20.55
CA TYR B 177 -17.41 13.50 20.58
C TYR B 177 -18.77 12.89 20.21
N GLY B 178 -18.93 12.48 18.96
CA GLY B 178 -20.14 11.82 18.48
C GLY B 178 -19.92 11.36 17.05
N ILE B 179 -20.55 10.25 16.65
CA ILE B 179 -20.31 9.71 15.33
C ILE B 179 -20.89 10.69 14.28
N PHE B 180 -22.19 10.89 14.27
CA PHE B 180 -22.80 11.87 13.37
C PHE B 180 -22.40 13.30 13.68
N SER B 181 -22.44 13.71 14.94
CA SER B 181 -22.10 15.09 15.29
C SER B 181 -20.70 15.46 14.73
N HIS B 182 -19.75 14.56 14.75
CA HIS B 182 -18.44 14.96 14.22
C HIS B 182 -18.40 15.14 12.69
N LEU B 183 -19.25 14.39 11.98
CA LEU B 183 -19.40 14.51 10.54
C LEU B 183 -20.09 15.84 10.20
N ASP B 184 -21.12 16.19 10.99
CA ASP B 184 -21.81 17.49 10.85
C ASP B 184 -20.81 18.64 11.06
N TRP B 185 -20.00 18.53 12.14
CA TRP B 185 -18.89 19.48 12.36
C TRP B 185 -18.01 19.66 11.11
N THR B 186 -17.54 18.55 10.56
CA THR B 186 -16.66 18.63 9.41
C THR B 186 -17.28 19.36 8.21
N ASN B 187 -18.53 19.06 7.94
CA ASN B 187 -19.27 19.64 6.87
C ASN B 187 -19.42 21.15 7.11
N ASN B 188 -19.89 21.51 8.30
CA ASN B 188 -20.04 22.90 8.71
C ASN B 188 -18.74 23.68 8.64
N PHE B 189 -17.67 23.07 9.07
CA PHE B 189 -16.37 23.74 9.02
C PHE B 189 -16.03 24.23 7.57
N SER B 190 -16.28 23.37 6.57
CA SER B 190 -16.03 23.72 5.19
C SER B 190 -16.91 24.88 4.75
N LEU B 191 -18.22 24.79 5.05
CA LEU B 191 -19.21 25.78 4.62
C LEU B 191 -18.89 27.19 5.11
N VAL B 192 -18.56 27.21 6.37
CA VAL B 192 -18.33 28.40 7.13
C VAL B 192 -16.95 28.98 6.72
N HIS B 193 -16.02 28.16 6.22
CA HIS B 193 -14.73 28.70 5.72
C HIS B 193 -14.67 28.82 4.21
N GLY B 194 -15.84 28.94 3.58
CA GLY B 194 -15.93 29.19 2.16
C GLY B 194 -15.52 28.09 1.24
N ASN B 195 -15.48 26.85 1.75
CA ASN B 195 -15.33 25.63 0.97
C ASN B 195 -13.87 25.16 0.88
N LEU B 196 -13.60 24.06 1.59
CA LEU B 196 -12.24 23.59 1.79
C LEU B 196 -11.59 23.11 0.49
N PHE B 197 -12.40 22.82 -0.53
CA PHE B 197 -11.81 22.54 -1.82
C PHE B 197 -10.96 23.73 -2.31
N TYR B 198 -11.18 24.93 -1.78
CA TYR B 198 -10.38 26.06 -2.22
C TYR B 198 -9.15 26.26 -1.36
N ASN B 199 -8.93 25.40 -0.37
CA ASN B 199 -7.77 25.46 0.50
C ASN B 199 -6.71 24.59 -0.15
N PRO B 200 -5.59 25.19 -0.58
CA PRO B 200 -4.58 24.40 -1.30
C PRO B 200 -3.98 23.30 -0.44
N PHE B 201 -3.88 23.53 0.86
CA PHE B 201 -3.45 22.47 1.74
C PHE B 201 -4.40 21.28 1.86
N HIS B 202 -5.71 21.53 1.72
CA HIS B 202 -6.69 20.45 1.67
C HIS B 202 -6.49 19.69 0.36
N GLY B 203 -6.38 20.40 -0.74
CA GLY B 203 -6.09 19.71 -2.01
C GLY B 203 -4.86 18.79 -1.92
N LEU B 204 -3.76 19.30 -1.34
CA LEU B 204 -2.55 18.54 -1.18
C LEU B 204 -2.83 17.30 -0.30
N SER B 205 -3.54 17.52 0.77
CA SER B 205 -3.85 16.44 1.65
C SER B 205 -4.59 15.33 0.88
N ILE B 206 -5.53 15.70 0.04
CA ILE B 206 -6.18 14.69 -0.81
C ILE B 206 -5.18 13.99 -1.74
N ALA B 207 -4.29 14.74 -2.37
CA ALA B 207 -3.27 14.17 -3.30
C ALA B 207 -2.54 13.04 -2.57
N PHE B 208 -2.16 13.30 -1.32
CA PHE B 208 -1.41 12.37 -0.56
C PHE B 208 -2.18 11.17 -0.04
N LEU B 209 -3.47 11.39 0.26
CA LEU B 209 -4.35 10.36 0.75
C LEU B 209 -4.66 9.39 -0.39
N TYR B 210 -5.04 9.94 -1.53
CA TYR B 210 -5.20 9.09 -2.70
C TYR B 210 -3.85 8.43 -3.03
N GLY B 211 -2.76 9.21 -2.94
CA GLY B 211 -1.43 8.78 -3.29
C GLY B 211 -0.97 7.60 -2.44
N SER B 212 -1.42 7.55 -1.18
CA SER B 212 -1.09 6.50 -0.28
C SER B 212 -1.80 5.22 -0.69
N ALA B 213 -2.99 5.37 -1.25
CA ALA B 213 -3.70 4.20 -1.73
C ALA B 213 -3.02 3.68 -3.05
N LEU B 214 -2.74 4.60 -3.94
CA LEU B 214 -1.93 4.31 -5.11
C LEU B 214 -0.67 3.58 -4.72
N LEU B 215 0.08 4.14 -3.77
CA LEU B 215 1.39 3.70 -3.51
C LEU B 215 1.41 2.32 -2.79
N PHE B 216 0.42 2.06 -1.95
CA PHE B 216 0.48 0.89 -1.18
C PHE B 216 -0.15 -0.22 -2.05
N ALA B 217 -1.05 0.16 -2.95
CA ALA B 217 -1.52 -0.85 -3.92
C ALA B 217 -0.29 -1.29 -4.85
N MET B 218 0.44 -0.29 -5.34
CA MET B 218 1.65 -0.55 -6.12
C MET B 218 2.58 -1.48 -5.33
N HIS B 219 2.93 -1.07 -4.10
CA HIS B 219 3.97 -1.67 -3.38
C HIS B 219 3.53 -3.07 -2.90
N GLY B 220 2.33 -3.16 -2.31
CA GLY B 220 1.81 -4.40 -1.81
C GLY B 220 1.75 -5.39 -2.95
N ALA B 221 1.26 -4.94 -4.10
CA ALA B 221 1.06 -5.81 -5.26
C ALA B 221 2.45 -6.27 -5.74
N THR B 222 3.43 -5.34 -5.71
CA THR B 222 4.74 -5.58 -6.28
C THR B 222 5.40 -6.70 -5.44
N ILE B 223 5.40 -6.52 -4.09
CA ILE B 223 6.00 -7.47 -3.18
C ILE B 223 5.34 -8.82 -3.30
N LEU B 224 4.04 -8.84 -3.46
CA LEU B 224 3.38 -10.14 -3.60
C LEU B 224 3.73 -10.73 -4.95
N ALA B 225 3.79 -9.90 -5.97
CA ALA B 225 4.25 -10.34 -7.32
C ALA B 225 5.64 -10.98 -7.32
N VAL B 226 6.53 -10.54 -6.40
CA VAL B 226 7.87 -11.09 -6.36
C VAL B 226 8.07 -11.94 -5.11
N SER B 227 6.96 -12.43 -4.53
CA SER B 227 7.08 -13.27 -3.32
C SER B 227 7.63 -14.64 -3.65
N ARG B 228 7.43 -15.12 -4.89
CA ARG B 228 8.02 -16.36 -5.40
C ARG B 228 9.56 -16.31 -5.43
N PHE B 229 10.14 -15.12 -5.21
CA PHE B 229 11.61 -15.03 -5.01
C PHE B 229 11.94 -14.43 -3.65
N GLY B 230 11.05 -14.50 -2.69
CA GLY B 230 11.41 -14.04 -1.34
C GLY B 230 11.33 -12.55 -1.13
N GLY B 231 10.61 -11.88 -2.01
CA GLY B 231 10.50 -10.46 -1.96
C GLY B 231 10.16 -9.82 -0.65
N GLU B 232 9.36 -10.46 0.19
CA GLU B 232 8.87 -9.78 1.41
C GLU B 232 9.93 -9.68 2.48
N ARG B 233 11.07 -10.34 2.24
CA ARG B 233 12.19 -10.29 3.13
C ARG B 233 13.00 -9.08 2.82
N GLU B 234 12.41 -7.95 3.13
CA GLU B 234 12.91 -6.70 2.59
C GLU B 234 14.23 -6.30 3.19
N LEU B 235 14.39 -6.52 4.51
CA LEU B 235 15.65 -6.14 5.13
C LEU B 235 16.84 -6.88 4.50
N GLU B 236 16.68 -8.14 4.19
CA GLU B 236 17.80 -8.85 3.62
C GLU B 236 17.91 -8.52 2.12
N GLN B 237 16.82 -8.21 1.46
CA GLN B 237 17.00 -7.66 0.09
C GLN B 237 17.73 -6.31 0.11
N ILE B 238 17.57 -5.55 1.21
CA ILE B 238 18.29 -4.27 1.31
C ILE B 238 19.78 -4.56 1.43
N ALA B 239 20.08 -5.54 2.25
CA ALA B 239 21.47 -5.83 2.65
C ALA B 239 22.20 -6.59 1.55
N ASP B 240 21.45 -7.26 0.66
CA ASP B 240 22.03 -8.15 -0.36
C ASP B 240 20.99 -8.30 -1.48
N ARG B 241 20.99 -7.36 -2.38
CA ARG B 241 19.97 -7.35 -3.43
C ARG B 241 19.78 -8.70 -4.10
N GLY B 242 18.53 -9.14 -4.26
CA GLY B 242 18.23 -10.42 -4.92
C GLY B 242 17.44 -10.22 -6.18
N THR B 243 17.14 -11.30 -6.90
CA THR B 243 16.34 -11.18 -8.14
C THR B 243 14.90 -10.69 -7.91
N ALA B 244 14.40 -10.84 -6.68
CA ALA B 244 13.12 -10.21 -6.22
C ALA B 244 13.18 -8.70 -6.38
N ALA B 245 14.18 -8.10 -5.74
CA ALA B 245 14.35 -6.68 -5.78
C ALA B 245 14.63 -6.20 -7.22
N GLU B 246 15.34 -7.02 -8.00
CA GLU B 246 15.65 -6.57 -9.38
C GLU B 246 14.43 -6.66 -10.29
N ARG B 247 13.62 -7.72 -10.17
CA ARG B 247 12.42 -7.81 -10.99
C ARG B 247 11.40 -6.72 -10.69
N ALA B 248 11.30 -6.40 -9.39
CA ALA B 248 10.41 -5.37 -8.87
C ALA B 248 10.79 -3.99 -9.48
N ALA B 249 12.07 -3.63 -9.39
CA ALA B 249 12.54 -2.35 -9.98
C ALA B 249 12.27 -2.30 -11.47
N LEU B 250 12.54 -3.43 -12.13
CA LEU B 250 12.49 -3.39 -13.59
C LEU B 250 11.06 -3.40 -14.08
N PHE B 251 10.13 -3.99 -13.30
CA PHE B 251 8.72 -3.86 -13.66
C PHE B 251 8.39 -2.38 -13.86
N TRP B 252 8.81 -1.56 -12.92
CA TRP B 252 8.42 -0.18 -12.84
C TRP B 252 9.25 0.66 -13.77
N ARG B 253 10.54 0.26 -13.94
CA ARG B 253 11.39 1.01 -14.86
C ARG B 253 10.75 0.86 -16.24
N TRP B 254 10.42 -0.36 -16.60
CA TRP B 254 9.85 -0.63 -17.93
C TRP B 254 8.45 -0.06 -18.15
N THR B 255 7.65 0.01 -17.07
CA THR B 255 6.33 0.60 -17.14
C THR B 255 6.38 2.15 -17.20
N MET B 256 7.00 2.77 -16.21
CA MET B 256 6.89 4.20 -16.08
C MET B 256 8.20 4.93 -16.16
N GLY B 257 9.28 4.20 -16.44
CA GLY B 257 10.56 4.85 -16.76
C GLY B 257 11.50 5.17 -15.60
N PHE B 258 11.11 4.81 -14.39
CA PHE B 258 11.98 4.96 -13.24
C PHE B 258 11.55 4.01 -12.17
N ASN B 259 12.32 3.90 -11.12
CA ASN B 259 12.07 2.88 -10.15
C ASN B 259 12.72 3.22 -8.79
N ALA B 260 12.48 2.36 -7.82
CA ALA B 260 12.87 2.59 -6.48
C ALA B 260 13.93 1.50 -6.17
N THR B 261 14.36 1.46 -4.90
CA THR B 261 15.14 0.37 -4.38
C THR B 261 14.28 -0.22 -3.26
N MET B 262 14.68 -1.39 -2.73
CA MET B 262 14.00 -1.98 -1.62
C MET B 262 14.01 -1.09 -0.37
N GLU B 263 15.10 -0.43 -0.07
CA GLU B 263 15.04 0.49 1.05
C GLU B 263 14.22 1.73 0.60
N GLY B 264 14.53 2.26 -0.55
CA GLY B 264 13.98 3.57 -0.89
C GLY B 264 12.46 3.66 -1.02
N ILE B 265 11.83 2.58 -1.41
CA ILE B 265 10.39 2.58 -1.59
C ILE B 265 9.74 2.88 -0.23
N HIS B 266 10.40 2.45 0.84
CA HIS B 266 9.92 2.74 2.19
C HIS B 266 10.04 4.18 2.52
N ARG B 267 10.94 4.92 1.89
CA ARG B 267 11.00 6.37 2.10
C ARG B 267 9.92 7.13 1.33
N TRP B 268 9.71 6.77 0.05
CA TRP B 268 8.48 7.23 -0.67
C TRP B 268 7.23 6.93 0.17
N ALA B 269 7.17 5.74 0.73
CA ALA B 269 6.05 5.33 1.57
C ALA B 269 5.80 6.23 2.80
N ILE B 270 6.81 6.34 3.68
CA ILE B 270 6.61 7.01 4.92
C ILE B 270 6.18 8.43 4.60
N TRP B 271 6.73 9.02 3.54
CA TRP B 271 6.46 10.41 3.28
C TRP B 271 5.12 10.67 2.61
N MET B 272 4.66 9.77 1.75
CA MET B 272 3.37 9.90 1.11
C MET B 272 2.32 9.94 2.20
N ALA B 273 2.38 9.00 3.12
CA ALA B 273 1.49 8.89 4.28
C ALA B 273 1.55 10.10 5.22
N VAL B 274 2.72 10.44 5.70
CA VAL B 274 2.88 11.47 6.71
C VAL B 274 2.46 12.88 6.21
N LEU B 275 2.54 13.11 4.90
CA LEU B 275 2.21 14.41 4.35
C LEU B 275 0.69 14.60 4.25
N VAL B 276 -0.06 13.49 4.34
CA VAL B 276 -1.50 13.59 4.47
C VAL B 276 -1.83 14.53 5.63
N THR B 277 -1.45 14.13 6.82
CA THR B 277 -1.77 14.87 7.98
C THR B 277 -0.92 16.09 8.20
N LEU B 278 0.29 16.20 7.61
CA LEU B 278 1.10 17.40 7.83
C LEU B 278 0.46 18.60 7.09
N THR B 279 0.16 18.41 5.83
CA THR B 279 -0.40 19.45 5.03
C THR B 279 -1.83 19.70 5.53
N GLY B 280 -2.52 18.63 5.91
CA GLY B 280 -3.87 18.72 6.42
C GLY B 280 -3.94 19.66 7.60
N GLY B 281 -3.06 19.43 8.55
CA GLY B 281 -3.08 20.24 9.76
C GLY B 281 -2.74 21.68 9.51
N ILE B 282 -1.92 21.94 8.50
CA ILE B 282 -1.59 23.32 8.19
C ILE B 282 -2.89 24.00 7.68
N GLY B 283 -3.52 23.36 6.69
CA GLY B 283 -4.77 23.78 6.11
C GLY B 283 -5.84 24.20 7.10
N ILE B 284 -6.00 23.39 8.14
CA ILE B 284 -6.98 23.62 9.20
C ILE B 284 -6.56 24.74 10.12
N LEU B 285 -5.29 24.72 10.56
CA LEU B 285 -4.74 25.72 11.45
C LEU B 285 -4.86 27.13 10.90
N LEU B 286 -4.69 27.25 9.58
CA LEU B 286 -4.80 28.56 8.91
C LEU B 286 -6.25 29.01 8.80
N SER B 287 -7.19 28.07 8.88
CA SER B 287 -8.58 28.36 8.64
C SER B 287 -9.19 29.10 9.80
N GLY B 288 -9.60 30.34 9.55
CA GLY B 288 -10.23 31.19 10.55
C GLY B 288 -9.30 31.92 11.49
N THR B 289 -8.02 31.62 11.39
CA THR B 289 -7.00 32.32 12.15
C THR B 289 -6.42 33.41 11.24
N VAL B 290 -6.10 33.00 10.01
CA VAL B 290 -5.50 33.84 8.97
C VAL B 290 -6.41 33.93 7.75
N VAL B 291 -7.18 32.88 7.45
CA VAL B 291 -8.08 32.85 6.29
C VAL B 291 -9.49 32.46 6.71
N ASP B 292 -10.42 33.39 6.50
CA ASP B 292 -11.82 33.15 6.83
C ASP B 292 -12.54 32.50 5.69
N ASN B 293 -12.04 32.60 4.47
CA ASN B 293 -12.78 32.16 3.31
C ASN B 293 -11.84 31.75 2.18
N TRP B 294 -11.72 30.46 1.97
CA TRP B 294 -10.76 29.99 0.98
C TRP B 294 -11.15 30.38 -0.46
N TYR B 295 -12.41 30.38 -0.79
CA TYR B 295 -12.82 30.96 -2.08
C TYR B 295 -12.21 32.35 -2.26
N VAL B 296 -12.44 33.20 -1.25
CA VAL B 296 -12.04 34.57 -1.34
C VAL B 296 -10.52 34.69 -1.48
N TRP B 297 -9.82 33.92 -0.69
CA TRP B 297 -8.39 33.90 -0.61
C TRP B 297 -7.84 33.51 -1.97
N GLY B 298 -8.43 32.47 -2.55
CA GLY B 298 -8.04 31.95 -3.86
C GLY B 298 -8.25 32.99 -4.96
N GLN B 299 -9.10 33.96 -4.75
CA GLN B 299 -9.28 34.96 -5.78
C GLN B 299 -8.15 35.97 -5.76
N ASN B 300 -7.51 36.11 -4.60
CA ASN B 300 -6.45 37.08 -4.40
C ASN B 300 -5.01 36.49 -4.43
N HIS B 301 -4.90 35.18 -4.63
CA HIS B 301 -3.63 34.49 -4.44
C HIS B 301 -3.62 33.32 -5.42
N GLY B 302 -3.48 33.64 -6.72
CA GLY B 302 -3.67 32.67 -7.80
C GLY B 302 -5.11 32.17 -7.81
N ASP C 11 0.82 37.96 3.21
CA ASP C 11 -0.16 36.93 3.71
C ASP C 11 0.49 35.58 4.13
N LEU C 12 0.24 35.17 5.36
CA LEU C 12 0.81 33.95 5.94
C LEU C 12 0.50 32.61 5.26
N ALA C 13 -0.68 32.47 4.68
CA ALA C 13 -1.05 31.29 3.92
C ALA C 13 -0.28 31.23 2.61
N SER C 14 -0.12 32.36 1.95
CA SER C 14 0.67 32.43 0.71
C SER C 14 2.11 32.07 1.00
N LEU C 15 2.62 32.53 2.13
CA LEU C 15 3.99 32.19 2.48
C LEU C 15 4.08 30.67 2.75
N ALA C 16 3.04 30.07 3.35
CA ALA C 16 3.15 28.67 3.70
C ALA C 16 3.06 27.77 2.46
N ILE C 17 2.21 28.11 1.50
CA ILE C 17 2.07 27.24 0.33
C ILE C 17 3.28 27.38 -0.58
N TYR C 18 3.83 28.58 -0.67
CA TYR C 18 5.03 28.83 -1.49
C TYR C 18 6.21 27.99 -0.93
N SER C 19 6.39 28.08 0.39
CA SER C 19 7.38 27.32 1.11
C SER C 19 7.19 25.82 0.98
N PHE C 20 5.93 25.38 1.01
CA PHE C 20 5.63 23.98 0.89
C PHE C 20 6.07 23.40 -0.43
N TRP C 21 5.88 24.14 -1.53
CA TRP C 21 6.31 23.68 -2.83
C TRP C 21 7.79 23.59 -2.92
N ILE C 22 8.51 24.48 -2.23
CA ILE C 22 9.96 24.46 -2.27
C ILE C 22 10.39 23.21 -1.49
N PHE C 23 9.81 23.02 -0.32
CA PHE C 23 10.09 21.84 0.41
C PHE C 23 9.78 20.59 -0.40
N LEU C 24 8.64 20.53 -1.09
CA LEU C 24 8.28 19.26 -1.76
C LEU C 24 9.25 18.92 -2.93
N ALA C 25 9.69 19.92 -3.65
CA ALA C 25 10.69 19.71 -4.69
C ALA C 25 12.02 19.16 -4.12
N GLY C 26 12.48 19.70 -2.99
CA GLY C 26 13.70 19.19 -2.37
C GLY C 26 13.46 17.78 -1.83
N LEU C 27 12.24 17.49 -1.42
CA LEU C 27 11.94 16.20 -0.87
C LEU C 27 12.00 15.15 -1.98
N ILE C 28 11.41 15.48 -3.13
CA ILE C 28 11.41 14.59 -4.27
C ILE C 28 12.83 14.38 -4.76
N TYR C 29 13.60 15.44 -4.82
CA TYR C 29 15.00 15.34 -5.18
C TYR C 29 15.68 14.31 -4.29
N TYR C 30 15.53 14.52 -2.99
CA TYR C 30 16.18 13.67 -2.00
C TYR C 30 15.72 12.21 -2.17
N LEU C 31 14.40 12.02 -2.30
CA LEU C 31 13.86 10.65 -2.47
C LEU C 31 14.36 9.97 -3.76
N GLN C 32 14.43 10.70 -4.86
CA GLN C 32 14.88 10.08 -6.09
C GLN C 32 16.35 9.70 -5.93
N THR C 33 17.17 10.57 -5.35
CA THR C 33 18.60 10.24 -5.17
C THR C 33 18.77 9.06 -4.22
N GLU C 34 17.97 8.99 -3.16
CA GLU C 34 18.03 7.78 -2.28
C GLU C 34 17.71 6.51 -3.01
N ASN C 35 16.87 6.58 -4.03
CA ASN C 35 16.51 5.40 -4.83
C ASN C 35 17.49 5.08 -5.95
N MET C 36 18.63 5.73 -5.95
CA MET C 36 19.70 5.46 -6.90
C MET C 36 20.93 4.78 -6.23
N ARG C 37 20.74 4.26 -5.01
CA ARG C 37 21.81 3.55 -4.29
C ARG C 37 22.01 2.14 -4.80
N GLU C 38 21.17 1.69 -5.70
CA GLU C 38 21.44 0.42 -6.42
C GLU C 38 21.21 0.61 -7.91
N GLY C 39 22.03 -0.05 -8.70
CA GLY C 39 21.82 -0.16 -10.14
C GLY C 39 22.40 0.94 -11.01
N TYR C 40 23.01 1.94 -10.37
CA TYR C 40 23.52 3.12 -11.03
C TYR C 40 25.00 3.13 -10.79
N PRO C 41 25.84 3.79 -11.61
CA PRO C 41 25.38 4.52 -12.80
C PRO C 41 24.82 3.59 -13.88
N LEU C 42 23.94 4.17 -14.69
CA LEU C 42 23.33 3.48 -15.85
C LEU C 42 24.41 3.02 -16.83
N GLU C 43 24.14 1.89 -17.45
CA GLU C 43 25.04 1.28 -18.40
C GLU C 43 24.52 1.21 -19.84
N ASN C 44 25.44 1.23 -20.79
CA ASN C 44 25.12 0.72 -22.12
C ASN C 44 24.93 -0.80 -22.07
N GLU C 45 24.32 -1.32 -23.12
CA GLU C 45 24.08 -2.75 -23.30
C GLU C 45 25.37 -3.58 -23.24
N ASP C 46 26.54 -3.02 -23.61
CA ASP C 46 27.84 -3.72 -23.43
C ASP C 46 28.46 -3.59 -22.02
N GLY C 47 27.78 -2.92 -21.09
CA GLY C 47 28.27 -2.84 -19.71
C GLY C 47 29.11 -1.63 -19.34
N THR C 48 29.37 -0.75 -20.29
CA THR C 48 30.13 0.43 -20.06
C THR C 48 29.18 1.51 -19.56
N PRO C 49 29.72 2.56 -18.92
CA PRO C 49 28.88 3.67 -18.43
C PRO C 49 28.13 4.44 -19.52
N ALA C 50 26.82 4.60 -19.42
CA ALA C 50 26.12 5.44 -20.39
C ALA C 50 26.50 6.92 -20.27
N ALA C 51 26.33 7.64 -21.37
CA ALA C 51 26.64 9.08 -21.45
C ALA C 51 25.60 9.90 -20.67
N ASN C 52 24.34 9.52 -20.78
CA ASN C 52 23.25 10.24 -20.14
C ASN C 52 22.85 9.55 -18.86
N GLN C 53 23.34 10.07 -17.74
CA GLN C 53 22.94 9.57 -16.40
C GLN C 53 21.63 10.18 -15.83
N GLY C 54 21.03 11.15 -16.50
CA GLY C 54 19.91 11.87 -15.90
C GLY C 54 20.37 13.12 -15.19
N PRO C 55 19.42 13.92 -14.73
CA PRO C 55 19.78 15.13 -13.99
C PRO C 55 19.94 14.92 -12.47
N PHE C 56 19.72 13.73 -11.94
CA PHE C 56 19.96 13.47 -10.52
C PHE C 56 21.33 12.84 -10.30
N PRO C 57 22.15 13.42 -9.42
CA PRO C 57 23.49 12.87 -9.17
C PRO C 57 23.40 11.74 -8.17
N LEU C 58 24.44 10.91 -8.07
CA LEU C 58 24.39 9.83 -7.08
C LEU C 58 24.51 10.40 -5.66
N PRO C 59 23.80 9.78 -4.72
CA PRO C 59 23.98 10.26 -3.36
C PRO C 59 25.32 9.89 -2.80
N LYS C 60 25.66 10.60 -1.72
CA LYS C 60 26.78 10.25 -0.85
C LYS C 60 26.57 8.82 -0.24
N PRO C 61 27.61 7.99 -0.23
CA PRO C 61 27.36 6.62 0.26
C PRO C 61 26.88 6.53 1.72
N LYS C 62 26.16 5.48 2.01
CA LYS C 62 25.86 5.13 3.37
C LYS C 62 26.38 3.73 3.54
N THR C 63 26.67 3.36 4.78
CA THR C 63 27.06 1.98 5.15
C THR C 63 26.12 1.33 6.17
N PHE C 64 25.63 0.14 5.82
CA PHE C 64 24.79 -0.66 6.72
C PHE C 64 25.71 -1.61 7.41
N ILE C 65 25.62 -1.70 8.74
CA ILE C 65 26.42 -2.69 9.48
C ILE C 65 25.57 -3.95 9.57
N LEU C 66 26.03 -5.04 8.99
CA LEU C 66 25.25 -6.25 9.00
C LEU C 66 25.48 -7.00 10.27
N PRO C 67 24.44 -7.64 10.79
CA PRO C 67 24.57 -8.43 12.01
C PRO C 67 25.42 -9.67 11.90
N HIS C 68 25.77 -10.18 13.06
CA HIS C 68 26.49 -11.46 13.16
C HIS C 68 27.80 -11.57 12.41
N GLY C 69 28.61 -10.51 12.40
CA GLY C 69 29.96 -10.57 11.79
C GLY C 69 29.94 -10.66 10.26
N ARG C 70 28.79 -10.41 9.64
CA ARG C 70 28.67 -10.59 8.19
C ARG C 70 29.21 -9.40 7.40
N GLY C 71 29.70 -8.37 8.07
CA GLY C 71 30.34 -7.25 7.39
C GLY C 71 29.46 -6.01 7.31
N THR C 72 29.62 -5.26 6.23
CA THR C 72 28.87 -4.06 5.96
C THR C 72 28.49 -4.04 4.48
N LEU C 73 27.57 -3.17 4.09
CA LEU C 73 27.27 -2.89 2.71
C LEU C 73 27.34 -1.41 2.57
N THR C 74 28.05 -0.96 1.55
CA THR C 74 28.17 0.47 1.27
C THR C 74 27.60 0.74 -0.12
N VAL C 75 26.60 1.60 -0.19
CA VAL C 75 25.93 1.93 -1.42
C VAL C 75 25.74 3.45 -1.46
N PRO C 76 25.92 4.05 -2.62
CA PRO C 76 26.29 3.34 -3.82
C PRO C 76 27.72 2.87 -3.79
N GLY C 77 27.98 1.79 -4.51
CA GLY C 77 29.34 1.36 -4.78
C GLY C 77 29.44 0.69 -6.13
N PRO C 78 30.63 0.14 -6.43
CA PRO C 78 30.91 -0.52 -7.74
C PRO C 78 29.91 -1.63 -8.02
N GLU C 79 29.17 -1.47 -9.11
CA GLU C 79 28.16 -2.45 -9.53
C GLU C 79 28.86 -3.48 -10.41
N SER C 80 28.56 -4.74 -10.21
CA SER C 80 29.11 -5.78 -10.99
C SER C 80 28.24 -7.04 -10.77
N GLU C 81 27.86 -7.70 -11.85
CA GLU C 81 27.01 -8.89 -11.84
C GLU C 81 27.68 -10.10 -11.14
N ASP C 82 29.00 -10.18 -11.19
CA ASP C 82 29.76 -11.33 -10.66
C ASP C 82 29.30 -12.69 -11.15
N ARG C 83 28.91 -12.76 -12.42
CA ARG C 83 28.47 -14.02 -13.06
C ARG C 83 28.37 -13.79 -14.56
N PRO C 84 28.59 -14.84 -15.37
CA PRO C 84 28.50 -14.77 -16.84
C PRO C 84 27.02 -14.66 -17.25
N ILE C 85 26.72 -13.84 -18.25
CA ILE C 85 25.37 -13.65 -18.71
C ILE C 85 25.32 -14.19 -20.14
N ALA C 86 24.84 -15.43 -20.27
CA ALA C 86 24.74 -16.12 -21.56
C ALA C 86 23.66 -15.52 -22.50
N LEU C 87 23.86 -14.30 -22.97
CA LEU C 87 22.90 -13.60 -23.87
C LEU C 87 23.69 -12.88 -24.98
N ALA C 88 23.05 -12.65 -26.13
CA ALA C 88 23.68 -11.90 -27.23
C ALA C 88 22.70 -11.02 -27.96
N ARG C 89 23.21 -9.95 -28.53
CA ARG C 89 22.36 -9.01 -29.21
C ARG C 89 21.65 -9.67 -30.35
N THR C 90 20.46 -9.18 -30.69
CA THR C 90 19.69 -9.65 -31.84
C THR C 90 19.48 -8.55 -32.87
N ALA C 91 20.06 -7.36 -32.65
CA ALA C 91 19.88 -6.19 -33.49
C ALA C 91 21.18 -5.40 -33.50
N VAL C 92 21.40 -4.55 -34.48
CA VAL C 92 22.58 -3.69 -34.56
C VAL C 92 22.42 -2.33 -33.84
N SER C 93 21.32 -2.09 -33.14
CA SER C 93 21.17 -0.82 -32.41
C SER C 93 20.54 -1.02 -31.01
N GLU C 94 20.62 0.01 -30.15
CA GLU C 94 20.12 -0.10 -28.74
C GLU C 94 18.60 -0.35 -28.73
N GLY C 95 18.15 -1.11 -27.77
CA GLY C 95 16.71 -1.12 -27.46
C GLY C 95 16.01 -2.42 -27.75
N PHE C 96 16.74 -3.41 -28.27
CA PHE C 96 16.10 -4.68 -28.62
C PHE C 96 16.47 -5.78 -27.64
N PRO C 97 15.74 -6.89 -27.70
CA PRO C 97 16.02 -8.02 -26.85
C PRO C 97 17.37 -8.68 -27.13
N HIS C 98 17.75 -9.50 -26.16
CA HIS C 98 19.01 -10.19 -26.15
C HIS C 98 18.65 -11.64 -26.00
N ALA C 99 19.06 -12.41 -27.00
CA ALA C 99 18.67 -13.79 -27.17
C ALA C 99 19.59 -14.65 -26.36
N PRO C 100 19.04 -15.63 -25.67
CA PRO C 100 19.86 -16.63 -25.00
C PRO C 100 20.74 -17.37 -25.98
N THR C 101 21.97 -17.62 -25.59
CA THR C 101 22.96 -18.26 -26.45
C THR C 101 23.01 -19.76 -26.20
N GLY C 102 22.42 -20.22 -25.10
CA GLY C 102 22.26 -21.65 -24.76
C GLY C 102 20.83 -21.89 -24.25
N ASP C 103 20.70 -22.73 -23.23
CA ASP C 103 19.40 -23.00 -22.61
C ASP C 103 19.15 -21.96 -21.49
N PRO C 104 18.14 -21.10 -21.66
CA PRO C 104 18.02 -19.98 -20.70
C PRO C 104 17.72 -20.41 -19.28
N MET C 105 17.09 -21.56 -19.14
CA MET C 105 16.85 -22.14 -17.81
C MET C 105 18.11 -22.58 -17.14
N LYS C 106 18.97 -23.32 -17.84
CA LYS C 106 20.30 -23.70 -17.28
C LYS C 106 21.22 -22.52 -17.08
N ASP C 107 21.15 -21.56 -17.96
CA ASP C 107 22.10 -20.45 -17.94
C ASP C 107 21.66 -19.36 -17.01
N GLY C 108 20.36 -19.40 -16.63
CA GLY C 108 19.81 -18.50 -15.65
C GLY C 108 19.67 -17.09 -16.19
N VAL C 109 18.92 -16.91 -17.30
CA VAL C 109 18.72 -15.61 -17.89
C VAL C 109 17.25 -15.41 -18.15
N GLY C 110 16.88 -14.20 -18.52
CA GLY C 110 15.47 -13.92 -18.72
C GLY C 110 14.69 -14.10 -17.43
N PRO C 111 13.45 -14.60 -17.52
CA PRO C 111 12.68 -14.89 -16.29
C PRO C 111 13.28 -16.04 -15.46
N ALA C 112 14.33 -16.70 -15.98
CA ALA C 112 15.03 -17.69 -15.18
C ALA C 112 16.23 -17.09 -14.43
N SER C 113 16.35 -15.76 -14.41
CA SER C 113 17.57 -15.12 -13.85
C SER C 113 17.69 -15.29 -12.33
N TRP C 114 18.93 -15.32 -11.87
CA TRP C 114 19.28 -15.23 -10.47
C TRP C 114 20.35 -14.19 -10.24
N VAL C 115 20.47 -13.73 -8.98
CA VAL C 115 21.50 -12.78 -8.60
C VAL C 115 22.51 -13.48 -7.78
N ALA C 116 23.74 -12.96 -7.83
CA ALA C 116 24.89 -13.54 -7.10
C ALA C 116 24.85 -13.04 -5.66
N ARG C 117 23.79 -13.44 -4.94
CA ARG C 117 23.66 -13.12 -3.51
C ARG C 117 24.72 -13.92 -2.75
N ARG C 118 24.94 -13.55 -1.48
CA ARG C 118 25.82 -14.33 -0.61
C ARG C 118 25.44 -15.78 -0.59
N ASP C 119 26.44 -16.63 -0.73
CA ASP C 119 26.35 -18.04 -0.54
C ASP C 119 26.47 -18.41 0.96
N LEU C 120 25.60 -17.77 1.74
CA LEU C 120 25.39 -18.11 3.14
C LEU C 120 23.91 -18.09 3.42
N PRO C 121 23.47 -18.77 4.45
CA PRO C 121 22.02 -18.67 4.73
C PRO C 121 21.65 -17.37 5.44
N GLU C 122 20.40 -16.96 5.31
CA GLU C 122 19.87 -15.84 6.05
C GLU C 122 19.69 -16.28 7.48
N LEU C 123 20.08 -15.41 8.40
CA LEU C 123 20.10 -15.70 9.81
C LEU C 123 19.00 -14.96 10.51
N ASP C 124 18.55 -15.52 11.60
CA ASP C 124 17.56 -14.83 12.40
C ASP C 124 18.20 -13.96 13.44
N GLY C 125 17.37 -13.43 14.31
CA GLY C 125 17.81 -12.44 15.30
C GLY C 125 18.79 -12.97 16.26
N HIS C 126 18.75 -14.28 16.43
CA HIS C 126 19.62 -14.99 17.34
C HIS C 126 20.79 -15.62 16.61
N GLY C 127 20.97 -15.39 15.32
CA GLY C 127 22.12 -15.94 14.58
C GLY C 127 21.96 -17.39 14.11
N HIS C 128 20.74 -17.93 14.17
CA HIS C 128 20.43 -19.29 13.71
C HIS C 128 19.89 -19.22 12.30
N ASN C 129 20.06 -20.26 11.49
CA ASN C 129 19.47 -20.23 10.13
C ASN C 129 17.97 -19.96 10.14
N LYS C 130 17.52 -19.02 9.33
CA LYS C 130 16.11 -18.61 9.32
C LYS C 130 15.18 -19.65 8.75
N ILE C 131 15.63 -20.42 7.77
CA ILE C 131 14.84 -21.39 7.07
C ILE C 131 15.39 -22.79 7.31
N LYS C 132 14.55 -23.69 7.78
CA LYS C 132 14.98 -25.07 8.11
C LYS C 132 13.95 -26.02 7.59
N PRO C 133 14.37 -27.26 7.31
CA PRO C 133 13.37 -28.28 7.09
C PRO C 133 12.62 -28.47 8.41
N MET C 134 11.28 -28.65 8.33
CA MET C 134 10.45 -28.81 9.52
C MET C 134 10.96 -30.01 10.37
N LYS C 135 11.53 -31.04 9.74
CA LYS C 135 12.03 -32.16 10.53
C LYS C 135 13.11 -31.68 11.54
N ALA C 136 13.90 -30.65 11.18
CA ALA C 136 14.97 -30.13 12.07
C ALA C 136 14.50 -28.94 12.91
N ALA C 137 13.22 -28.55 12.79
CA ALA C 137 12.70 -27.37 13.47
C ALA C 137 11.88 -27.73 14.70
N ALA C 138 12.55 -27.86 15.82
CA ALA C 138 11.91 -28.24 17.10
C ALA C 138 10.57 -27.61 17.31
N GLY C 139 9.55 -28.43 17.51
CA GLY C 139 8.23 -27.92 17.87
C GLY C 139 7.35 -27.46 16.75
N PHE C 140 7.92 -27.37 15.55
CA PHE C 140 7.17 -27.02 14.37
C PHE C 140 6.41 -28.19 13.78
N HIS C 141 5.18 -27.87 13.37
CA HIS C 141 4.23 -28.81 12.74
C HIS C 141 3.21 -27.98 11.95
N VAL C 142 2.57 -28.64 10.99
CA VAL C 142 1.38 -28.09 10.33
C VAL C 142 0.23 -27.93 11.32
N SER C 143 -0.31 -26.71 11.33
CA SER C 143 -1.35 -26.28 12.24
C SER C 143 -2.70 -26.04 11.56
N ALA C 144 -2.76 -25.91 10.26
CA ALA C 144 -4.03 -25.69 9.56
C ALA C 144 -3.79 -25.89 8.06
N GLY C 145 -4.81 -26.34 7.33
CA GLY C 145 -4.70 -26.56 5.89
C GLY C 145 -4.27 -27.96 5.60
N LYS C 146 -4.29 -28.34 4.33
CA LYS C 146 -3.93 -29.69 3.94
C LYS C 146 -2.41 -29.79 4.08
N ASN C 147 -1.96 -30.79 4.83
CA ASN C 147 -0.54 -31.10 4.96
C ASN C 147 -0.02 -31.75 3.64
N PRO C 148 0.94 -31.11 2.99
CA PRO C 148 1.43 -31.65 1.72
C PRO C 148 2.45 -32.78 1.80
N ILE C 149 2.97 -33.10 2.99
CA ILE C 149 4.01 -34.06 3.08
C ILE C 149 3.41 -35.34 2.66
N GLY C 150 4.02 -36.05 1.70
CA GLY C 150 3.51 -37.36 1.26
C GLY C 150 2.79 -37.30 -0.08
N LEU C 151 2.34 -36.10 -0.48
CA LEU C 151 1.65 -35.97 -1.74
C LEU C 151 2.57 -36.01 -2.98
N PRO C 152 2.10 -36.70 -4.02
CA PRO C 152 2.86 -36.68 -5.26
C PRO C 152 2.77 -35.32 -5.92
N VAL C 153 3.86 -34.96 -6.59
CA VAL C 153 4.02 -33.71 -7.20
C VAL C 153 3.90 -33.86 -8.74
N ARG C 154 3.02 -33.03 -9.30
CA ARG C 154 2.65 -33.09 -10.71
C ARG C 154 3.16 -31.88 -11.43
N GLY C 155 3.70 -32.11 -12.64
CA GLY C 155 4.16 -31.00 -13.51
C GLY C 155 3.10 -30.59 -14.50
N CYS C 156 3.34 -29.49 -15.19
CA CYS C 156 2.36 -29.01 -16.18
C CYS C 156 2.21 -29.95 -17.37
N ASP C 157 3.11 -30.92 -17.53
CA ASP C 157 2.83 -31.95 -18.53
C ASP C 157 1.81 -33.01 -18.02
N LEU C 158 1.15 -32.70 -16.91
CA LEU C 158 0.33 -33.69 -16.16
C LEU C 158 1.01 -34.99 -15.78
N GLU C 159 2.34 -35.01 -15.69
CA GLU C 159 3.08 -36.19 -15.20
C GLU C 159 3.62 -35.97 -13.77
N ILE C 160 3.76 -37.06 -13.01
CA ILE C 160 4.32 -37.00 -11.66
C ILE C 160 5.82 -36.79 -11.74
N ALA C 161 6.34 -35.74 -11.08
CA ALA C 161 7.80 -35.49 -11.01
C ALA C 161 8.42 -35.99 -9.72
N GLY C 162 7.59 -36.35 -8.73
CA GLY C 162 8.08 -36.85 -7.47
C GLY C 162 7.09 -36.74 -6.32
N LYS C 163 7.62 -36.64 -5.10
CA LYS C 163 6.79 -36.66 -3.89
C LYS C 163 7.31 -35.70 -2.83
N VAL C 164 6.41 -35.07 -2.10
CA VAL C 164 6.76 -34.11 -1.05
C VAL C 164 7.28 -34.87 0.17
N VAL C 165 8.50 -34.54 0.61
CA VAL C 165 9.08 -35.18 1.81
C VAL C 165 9.26 -34.19 2.99
N ASP C 166 9.05 -32.90 2.80
CA ASP C 166 9.08 -32.01 3.94
C ASP C 166 8.68 -30.62 3.48
N ILE C 167 8.45 -29.78 4.48
CA ILE C 167 8.18 -28.38 4.29
C ILE C 167 9.40 -27.65 4.89
N TRP C 168 9.92 -26.65 4.21
CA TRP C 168 11.01 -25.86 4.77
C TRP C 168 10.34 -24.62 5.29
N VAL C 169 10.56 -24.34 6.55
CA VAL C 169 9.81 -23.32 7.24
C VAL C 169 10.69 -22.17 7.69
N ASP C 170 10.10 -20.97 7.72
CA ASP C 170 10.73 -19.82 8.29
C ASP C 170 10.50 -19.86 9.80
N ILE C 171 11.53 -20.03 10.62
CA ILE C 171 11.29 -20.12 12.04
C ILE C 171 10.78 -18.84 12.66
N PRO C 172 11.53 -17.74 12.53
CA PRO C 172 11.00 -16.49 13.13
C PRO C 172 9.63 -16.02 12.67
N GLU C 173 9.28 -16.20 11.42
CA GLU C 173 7.97 -15.70 10.95
C GLU C 173 6.93 -16.83 10.88
N GLN C 174 7.30 -18.04 11.33
CA GLN C 174 6.38 -19.16 11.36
C GLN C 174 5.55 -19.32 10.10
N MET C 175 6.23 -19.54 8.97
CA MET C 175 5.57 -19.73 7.69
C MET C 175 6.26 -20.77 6.81
N ALA C 176 5.51 -21.40 5.92
CA ALA C 176 6.02 -22.37 4.94
C ALA C 176 6.73 -21.65 3.83
N ARG C 177 7.98 -21.97 3.59
CA ARG C 177 8.68 -21.29 2.47
C ARG C 177 8.95 -22.13 1.24
N PHE C 178 9.26 -23.42 1.44
CA PHE C 178 9.45 -24.33 0.34
C PHE C 178 8.87 -25.66 0.66
N LEU C 179 8.63 -26.44 -0.40
CA LEU C 179 8.41 -27.87 -0.28
C LEU C 179 9.63 -28.62 -0.80
N GLU C 180 10.08 -29.63 -0.05
CA GLU C 180 11.18 -30.43 -0.49
C GLU C 180 10.62 -31.65 -1.21
N VAL C 181 11.11 -31.90 -2.41
CA VAL C 181 10.47 -32.87 -3.29
C VAL C 181 11.47 -33.90 -3.70
N GLU C 182 11.17 -35.15 -3.47
CA GLU C 182 12.09 -36.23 -3.81
C GLU C 182 11.83 -36.69 -5.25
N LEU C 183 12.90 -36.84 -6.01
CA LEU C 183 12.82 -37.26 -7.40
C LEU C 183 13.00 -38.76 -7.55
N LYS C 184 12.74 -39.25 -8.76
CA LYS C 184 12.83 -40.67 -9.12
C LYS C 184 14.14 -41.31 -8.66
N ASP C 185 15.23 -40.53 -8.68
CA ASP C 185 16.59 -41.04 -8.28
C ASP C 185 16.92 -40.95 -6.79
N GLY C 186 16.00 -40.48 -5.94
CA GLY C 186 16.28 -40.40 -4.50
C GLY C 186 16.75 -39.04 -3.99
N SER C 187 17.28 -38.21 -4.88
CA SER C 187 17.72 -36.87 -4.46
C SER C 187 16.49 -35.94 -4.30
N THR C 188 16.67 -34.79 -3.65
CA THR C 188 15.57 -33.87 -3.48
C THR C 188 15.83 -32.47 -4.09
N ARG C 189 14.78 -31.68 -4.26
CA ARG C 189 14.89 -30.30 -4.69
C ARG C 189 13.91 -29.48 -3.84
N LEU C 190 14.14 -28.19 -3.80
CA LEU C 190 13.22 -27.29 -3.20
C LEU C 190 12.39 -26.59 -4.27
N LEU C 191 11.11 -26.49 -3.98
CA LEU C 191 10.13 -25.75 -4.74
C LEU C 191 9.62 -24.62 -3.87
N PRO C 192 9.65 -23.38 -4.40
CA PRO C 192 9.01 -22.24 -3.70
C PRO C 192 7.49 -22.47 -3.45
N MET C 193 7.07 -22.07 -2.26
CA MET C 193 5.71 -22.37 -1.79
C MET C 193 4.74 -21.55 -2.62
N GLN C 194 5.18 -20.37 -3.00
CA GLN C 194 4.38 -19.50 -3.85
C GLN C 194 4.22 -20.05 -5.27
N MET C 195 4.88 -21.13 -5.64
CA MET C 195 4.74 -21.65 -6.99
C MET C 195 4.13 -23.03 -7.07
N VAL C 196 3.42 -23.44 -6.00
CA VAL C 196 2.79 -24.74 -5.97
C VAL C 196 1.39 -24.53 -5.56
N LYS C 197 0.56 -25.49 -5.93
CA LYS C 197 -0.84 -25.49 -5.60
C LYS C 197 -1.08 -26.80 -4.84
N VAL C 198 -1.40 -26.68 -3.55
CA VAL C 198 -1.57 -27.87 -2.74
C VAL C 198 -3.02 -28.26 -2.92
N GLN C 199 -3.24 -29.45 -3.46
CA GLN C 199 -4.58 -29.98 -3.68
C GLN C 199 -4.84 -31.21 -2.81
N SER C 200 -6.11 -31.61 -2.77
CA SER C 200 -6.52 -32.69 -1.89
C SER C 200 -5.70 -33.98 -2.08
N ASN C 201 -5.26 -34.26 -3.31
CA ASN C 201 -4.64 -35.55 -3.70
C ASN C 201 -3.30 -35.36 -4.39
N ARG C 202 -2.78 -34.15 -4.43
CA ARG C 202 -1.52 -33.89 -5.11
C ARG C 202 -1.06 -32.48 -4.84
N VAL C 203 0.19 -32.19 -5.20
CA VAL C 203 0.66 -30.85 -5.31
C VAL C 203 0.94 -30.66 -6.80
N HIS C 204 0.36 -29.61 -7.37
CA HIS C 204 0.52 -29.25 -8.75
C HIS C 204 1.42 -28.04 -8.96
N VAL C 205 2.38 -28.26 -9.88
CA VAL C 205 3.31 -27.23 -10.29
C VAL C 205 3.14 -26.83 -11.78
N ASN C 206 2.49 -25.70 -11.99
CA ASN C 206 2.23 -25.17 -13.32
C ASN C 206 3.51 -24.78 -14.12
N ALA C 207 4.48 -24.16 -13.44
CA ALA C 207 5.69 -23.61 -14.02
C ALA C 207 6.62 -24.61 -14.69
N LEU C 208 6.66 -25.86 -14.21
CA LEU C 208 7.65 -26.82 -14.70
C LEU C 208 6.96 -28.09 -15.18
N SER C 209 7.40 -28.64 -16.31
CA SER C 209 6.96 -29.96 -16.69
C SER C 209 7.82 -31.00 -15.96
N SER C 210 7.34 -32.22 -15.88
CA SER C 210 8.01 -33.21 -15.01
C SER C 210 9.49 -33.40 -15.33
N ASP C 211 9.86 -33.36 -16.61
CA ASP C 211 11.26 -33.53 -17.05
C ASP C 211 12.20 -32.35 -16.68
N LEU C 212 11.66 -31.21 -16.29
CA LEU C 212 12.51 -30.13 -15.88
C LEU C 212 12.89 -30.15 -14.39
N PHE C 213 12.34 -31.09 -13.62
CA PHE C 213 12.54 -31.07 -12.17
C PHE C 213 13.99 -31.35 -11.75
N ALA C 214 14.62 -32.28 -12.47
CA ALA C 214 16.02 -32.70 -12.24
C ALA C 214 17.00 -31.50 -12.34
N GLY C 215 16.67 -30.53 -13.19
CA GLY C 215 17.51 -29.40 -13.44
C GLY C 215 17.34 -28.27 -12.45
N ILE C 216 16.28 -28.29 -11.64
CA ILE C 216 16.24 -27.39 -10.46
C ILE C 216 17.61 -27.48 -9.72
N PRO C 217 18.16 -26.31 -9.39
CA PRO C 217 19.51 -26.23 -8.82
C PRO C 217 19.54 -26.73 -7.38
N THR C 218 20.49 -27.61 -7.09
CA THR C 218 20.48 -28.37 -5.85
C THR C 218 21.14 -27.55 -4.74
N ILE C 219 20.96 -27.96 -3.48
CA ILE C 219 21.56 -27.23 -2.37
C ILE C 219 22.75 -28.04 -1.93
N LYS C 220 23.83 -27.38 -1.48
CA LYS C 220 25.06 -28.13 -1.25
C LYS C 220 25.04 -28.81 0.12
N SER C 221 24.22 -28.31 1.05
CA SER C 221 24.05 -28.96 2.38
C SER C 221 22.55 -29.23 2.58
N PRO C 222 22.19 -30.45 2.99
CA PRO C 222 20.77 -30.79 2.90
C PRO C 222 19.92 -30.24 4.04
N THR C 223 20.51 -29.57 5.04
CA THR C 223 19.70 -29.01 6.11
C THR C 223 19.71 -27.50 6.16
N GLU C 224 20.19 -26.83 5.11
CA GLU C 224 20.09 -25.39 5.02
C GLU C 224 20.15 -24.98 3.56
N VAL C 225 19.65 -23.79 3.26
CA VAL C 225 19.85 -23.11 1.99
C VAL C 225 20.51 -21.80 2.15
N THR C 226 21.30 -21.45 1.17
CA THR C 226 21.94 -20.15 1.14
C THR C 226 21.15 -19.18 0.27
N LEU C 227 21.38 -17.89 0.49
CA LEU C 227 20.70 -16.86 -0.28
C LEU C 227 20.99 -17.04 -1.79
N LEU C 228 22.25 -17.40 -2.13
CA LEU C 228 22.57 -17.69 -3.51
C LEU C 228 21.72 -18.86 -4.07
N GLU C 229 21.61 -19.92 -3.29
CA GLU C 229 20.82 -21.09 -3.67
C GLU C 229 19.32 -20.77 -3.81
N GLU C 230 18.80 -19.97 -2.91
CA GLU C 230 17.37 -19.61 -3.04
C GLU C 230 17.14 -18.93 -4.36
N ASP C 231 18.10 -18.10 -4.77
CA ASP C 231 17.88 -17.26 -5.94
C ASP C 231 17.91 -18.15 -7.18
N LYS C 232 18.77 -19.16 -7.19
CA LYS C 232 18.85 -20.07 -8.33
C LYS C 232 17.57 -20.92 -8.49
N ILE C 233 17.10 -21.42 -7.35
CA ILE C 233 15.88 -22.19 -7.31
C ILE C 233 14.70 -21.33 -7.73
N CYS C 234 14.51 -20.19 -7.07
CA CYS C 234 13.36 -19.40 -7.41
C CYS C 234 13.33 -18.89 -8.85
N GLY C 235 14.48 -18.38 -9.31
CA GLY C 235 14.65 -18.03 -10.70
C GLY C 235 14.31 -19.13 -11.71
N TYR C 236 14.85 -20.32 -11.49
CA TYR C 236 14.65 -21.44 -12.37
C TYR C 236 13.18 -21.83 -12.52
N VAL C 237 12.50 -22.02 -11.39
CA VAL C 237 11.08 -22.35 -11.37
C VAL C 237 10.23 -21.26 -12.04
N ALA C 238 10.44 -19.99 -11.68
CA ALA C 238 9.73 -18.88 -12.41
C ALA C 238 10.03 -18.93 -13.92
N GLY C 239 11.30 -19.18 -14.31
CA GLY C 239 11.64 -19.25 -15.72
C GLY C 239 10.72 -20.20 -16.53
N GLY C 240 10.18 -21.19 -15.85
CA GLY C 240 9.43 -22.24 -16.53
C GLY C 240 8.11 -21.74 -17.09
N LEU C 241 7.58 -20.71 -16.44
CA LEU C 241 6.37 -20.12 -16.99
C LEU C 241 6.55 -19.82 -18.46
N MET C 242 7.64 -19.15 -18.80
CA MET C 242 7.93 -18.85 -20.19
C MET C 242 8.56 -20.07 -20.92
N TYR C 243 9.58 -20.68 -20.33
CA TYR C 243 10.42 -21.60 -21.11
C TYR C 243 9.87 -23.05 -21.18
N ALA C 244 8.92 -23.42 -20.32
CA ALA C 244 8.28 -24.75 -20.42
C ALA C 244 6.91 -24.63 -21.10
N ALA C 245 6.50 -23.42 -21.49
CA ALA C 245 5.25 -23.21 -22.29
C ALA C 245 4.95 -24.27 -23.40
N PRO C 246 5.93 -24.62 -24.26
CA PRO C 246 5.72 -25.78 -25.18
C PRO C 246 5.18 -27.10 -24.50
N LYS C 247 5.67 -27.43 -23.31
CA LYS C 247 5.21 -28.66 -22.61
C LYS C 247 3.97 -28.46 -21.71
N ARG C 248 3.35 -27.28 -21.76
CA ARG C 248 2.26 -27.00 -20.85
C ARG C 248 0.90 -27.24 -21.53
N LYS C 249 0.22 -28.30 -21.09
CA LYS C 249 -1.09 -28.69 -21.63
C LYS C 249 -2.23 -27.72 -21.23
N SER C 250 -3.27 -27.67 -22.07
CA SER C 250 -4.47 -26.85 -21.75
C SER C 250 -5.22 -27.36 -20.49
N VAL C 251 -5.46 -26.42 -19.54
CA VAL C 251 -5.95 -26.71 -18.17
C VAL C 251 -6.39 -25.39 -17.53
#